data_7VDL
#
_entry.id   7VDL
#
_cell.length_a   1.00
_cell.length_b   1.00
_cell.length_c   1.00
_cell.angle_alpha   90.00
_cell.angle_beta   90.00
_cell.angle_gamma   90.00
#
_symmetry.space_group_name_H-M   'P 1'
#
loop_
_entity.id
_entity.type
_entity.pdbx_description
1 polymer 'Guanine nucleotide-binding protein G(i) subunit alpha-1'
2 polymer 'Guanine nucleotide-binding protein G(I)/G(S)/G(T) subunit beta-1'
3 polymer 'Guanine nucleotide-binding protein G(I)/G(S)/G(O) subunit gamma-2'
4 polymer scFv
5 polymer 'Mas-related G-protein coupled receptor member X2'
6 polymer 'circular cortistatin-14'
7 non-polymer CHOLESTEROL
#
loop_
_entity_poly.entity_id
_entity_poly.type
_entity_poly.pdbx_seq_one_letter_code
_entity_poly.pdbx_strand_id
1 'polypeptide(L)'
;MGCTLSAEDKAAVERSKMIDRNLREDGEKAAREVKLLLLGAGESGKSTIVKQMKIIHEAGYSEEECKQYKAVVYSNTIQS
IIAIIRAMGRLKIDFGDSARADDARQLFVLAGAAEEGFMTAELAGVIKRLWKDSGVQACFNRSREYQLNDSAAYYLNDLD
RIAQPNYIPTQQDVLRTRVKTTGIVETHFTFKDLHFKMFDVGGQRSERKKWIHCFEGVTAIIFCVALSDYDLVLAEDEEM
NRMHESMKLFDSICNNKWFTDTSIILFLNKKDLFEEKIKKSPLTICYPEYAGSNTYEEAAAYIQCQFEDLNKRKDTKEIY
THFTCATDTKNVQFVFDAVTDVIIKNNLKDCGLF
;
A
2 'polypeptide(L)'
;MHHHHHHLEVLFQGPGSSGSELDQLRQEAEQLKNQIRDARKACADATLSQITNNIDPVGRIQMRTRRTLRGHLAKIYAMH
WGTDSRLLVSASQDGKLIIWDSYTTNKVHAIPLRSSWVMTCAYAPSGNYVACGGLDNICSIYNLKTREGNVRVSRELAGH
TGYLSCCRFLDDNQIVTSSGDTTCALWDIETGQQTTTFTGHTGDVMSLSLAPDTRLFVSGACDASAKLWDVREGMCRQTF
TGHESDINAICFFPNGNAFATGSDDATCRLFDLRADQELMTYSHDNIICGITSVSFSKSGRLLLAGYDDFNCNVWDALKA
DRAGVLAGHDNRVSCLGVTDDGMAVATGSWDSFLKIWN
;
B
3 'polypeptide(L)' NTASIAQARKLVEQLKMEANIDRIKVSKAAADLMAYCEAHAKEDPLLTPVPASENPFR C
4 'polypeptide(L)'
;MLLVNQSHQGFNKEHTSKMVSAIVLYVLLAAAAHSAFAVQLVESGGGLVQPGGSRKLSCSASGFAFSSFGMHWVRQAPEK
GLEWVAYISSGSGTIYYADTVKGRFTISRDDPKNTLFLQMTSLRSEDTAMYYCVRSIYYYGSSPFDFWGQGTTLTVSAGG
GGSGGGGSGGGGSADIVMTQATSSVPVTPGESVSISCRSSKSLLHSNGNTYLYWFLQRPGQSPQLLIYRMSNLASGVPDR
FSGSGSGTAFTLTISRLEAEDVGVYYCMQHLEYPLTFGAGTKLEL
;
S
5 'polypeptide(L)'
;MDPTTPAWGTESTTVNGNDQALLLLCGKETLIPVFLILFIALVGLVGNGFVLWLLGFRMRRNAFSVYVLSLAGADFLFLC
FQIINCLVYLSNFFCSISINFPSFFTTVMTCAYLAGLSMLSTVSTERCLSVLWPIWYRCRRPRHLSAVVCVLLWALSLLL
SILEGKFCGFLFSDGDSGWCQTFDFITAAWLIFLFMVLCGSSLALLVRILCGSRGLPLTRLYLTILLTVLVFLLCGLPFG
IQWFLILWIWKDSDVLFCHIHPVSVVLSSLNSSANPIIYFFVGSFRKQWRLQQPILKLALQRALQDIAEVDHSEGCFRQG
TPEMSRSSLV
;
R
6 'polypeptide(L)' PCKNFFWKTFSSCK L
#
loop_
_chem_comp.id
_chem_comp.type
_chem_comp.name
_chem_comp.formula
CLR non-polymer CHOLESTEROL 'C27 H46 O'
#
# COMPACT_ATOMS: atom_id res chain seq x y z
N LEU A 5 -24.02 -8.34 2.62
CA LEU A 5 -23.18 -9.21 1.81
C LEU A 5 -23.83 -10.56 1.60
N SER A 6 -23.69 -11.09 0.39
CA SER A 6 -24.12 -12.45 0.09
C SER A 6 -23.03 -13.43 0.50
N ALA A 7 -23.13 -14.67 0.04
CA ALA A 7 -22.13 -15.66 0.37
C ALA A 7 -20.82 -15.40 -0.37
N GLU A 8 -20.91 -15.10 -1.66
CA GLU A 8 -19.72 -14.86 -2.48
C GLU A 8 -19.03 -13.57 -2.09
N ASP A 9 -19.77 -12.53 -1.73
CA ASP A 9 -19.12 -11.30 -1.31
C ASP A 9 -18.48 -11.47 0.05
N LYS A 10 -19.05 -12.31 0.92
CA LYS A 10 -18.39 -12.61 2.19
C LYS A 10 -17.11 -13.40 1.98
N ALA A 11 -17.12 -14.33 1.02
CA ALA A 11 -15.88 -15.04 0.71
C ALA A 11 -14.86 -14.16 0.00
N ALA A 12 -15.30 -13.16 -0.74
CA ALA A 12 -14.36 -12.18 -1.30
C ALA A 12 -13.75 -11.32 -0.21
N VAL A 13 -14.55 -10.97 0.81
CA VAL A 13 -14.03 -10.26 1.98
C VAL A 13 -13.01 -11.12 2.72
N GLU A 14 -13.27 -12.42 2.82
CA GLU A 14 -12.32 -13.32 3.47
C GLU A 14 -11.03 -13.47 2.67
N ARG A 15 -11.13 -13.54 1.34
CA ARG A 15 -9.96 -13.57 0.49
C ARG A 15 -9.14 -12.30 0.62
N SER A 16 -9.81 -11.15 0.69
CA SER A 16 -9.13 -9.90 0.94
C SER A 16 -8.51 -9.84 2.32
N LYS A 17 -9.12 -10.50 3.32
CA LYS A 17 -8.54 -10.54 4.66
C LYS A 17 -7.26 -11.37 4.70
N MET A 18 -7.23 -12.50 4.00
CA MET A 18 -5.99 -13.27 3.91
C MET A 18 -4.94 -12.54 3.11
N ILE A 19 -5.35 -11.78 2.10
CA ILE A 19 -4.41 -10.97 1.35
C ILE A 19 -3.85 -9.86 2.24
N ASP A 20 -4.68 -9.28 3.11
CA ASP A 20 -4.22 -8.35 4.14
C ASP A 20 -3.20 -9.00 5.07
N ARG A 21 -3.45 -10.24 5.47
CA ARG A 21 -2.52 -10.95 6.35
C ARG A 21 -1.17 -11.18 5.69
N ASN A 22 -1.18 -11.64 4.42
CA ASN A 22 0.07 -11.86 3.70
C ASN A 22 0.81 -10.56 3.42
N LEU A 23 0.07 -9.48 3.13
CA LEU A 23 0.69 -8.17 2.95
C LEU A 23 1.36 -7.68 4.21
N ARG A 24 0.70 -7.87 5.36
CA ARG A 24 1.28 -7.48 6.64
C ARG A 24 2.51 -8.31 6.97
N GLU A 25 2.47 -9.62 6.70
CA GLU A 25 3.63 -10.47 6.96
C GLU A 25 4.80 -10.12 6.05
N ASP A 26 4.53 -9.82 4.78
CA ASP A 26 5.62 -9.55 3.85
C ASP A 26 6.19 -8.15 4.11
N GLY A 27 5.35 -7.18 4.48
CA GLY A 27 5.88 -5.89 4.89
C GLY A 27 6.57 -5.90 6.23
N GLU A 28 6.23 -6.85 7.10
CA GLU A 28 6.97 -7.01 8.35
C GLU A 28 8.30 -7.71 8.12
N LYS A 29 8.37 -8.62 7.15
CA LYS A 29 9.64 -9.21 6.76
C LYS A 29 10.56 -8.18 6.11
N ALA A 30 10.00 -7.31 5.28
CA ALA A 30 10.80 -6.28 4.63
C ALA A 30 11.02 -5.04 5.49
N ALA A 31 10.32 -4.92 6.62
CA ALA A 31 10.55 -3.79 7.51
C ALA A 31 11.74 -4.00 8.42
N ARG A 32 12.11 -5.26 8.66
CA ARG A 32 13.19 -5.61 9.57
C ARG A 32 14.47 -5.96 8.84
N GLU A 33 14.61 -5.49 7.60
CA GLU A 33 15.82 -5.69 6.82
C GLU A 33 16.44 -4.35 6.47
N VAL A 34 17.67 -4.39 6.00
CA VAL A 34 18.48 -3.20 5.80
C VAL A 34 18.71 -3.00 4.31
N LYS A 35 18.35 -1.82 3.81
CA LYS A 35 18.40 -1.54 2.38
C LYS A 35 19.49 -0.50 2.14
N LEU A 36 20.57 -0.92 1.49
CA LEU A 36 21.72 -0.07 1.23
C LEU A 36 21.81 0.26 -0.25
N LEU A 37 22.44 1.39 -0.55
CA LEU A 37 22.52 1.92 -1.91
C LEU A 37 23.98 2.13 -2.31
N LEU A 38 24.51 1.27 -3.19
CA LEU A 38 25.80 1.56 -3.81
C LEU A 38 25.73 2.73 -4.76
N LEU A 39 26.84 3.47 -4.83
CA LEU A 39 27.01 4.63 -5.69
C LEU A 39 28.46 4.70 -6.13
N GLY A 40 28.87 5.89 -6.54
CA GLY A 40 30.21 6.14 -7.03
C GLY A 40 30.25 6.23 -8.54
N ALA A 41 31.32 6.84 -9.04
CA ALA A 41 31.51 6.94 -10.48
C ALA A 41 31.96 5.60 -11.05
N GLY A 42 32.19 5.59 -12.36
CA GLY A 42 32.49 4.34 -13.05
C GLY A 42 33.87 3.81 -12.65
N GLU A 43 33.96 2.47 -12.63
CA GLU A 43 35.18 1.67 -12.34
C GLU A 43 35.86 2.07 -11.02
N SER A 44 35.07 2.56 -10.06
CA SER A 44 35.61 3.05 -8.79
C SER A 44 35.70 1.96 -7.72
N GLY A 45 35.81 0.69 -8.12
CA GLY A 45 35.97 -0.40 -7.18
C GLY A 45 34.68 -0.92 -6.59
N LYS A 46 33.53 -0.42 -7.03
CA LYS A 46 32.23 -0.81 -6.49
C LYS A 46 31.94 -2.29 -6.72
N SER A 47 32.31 -2.81 -7.90
CA SER A 47 32.09 -4.21 -8.20
C SER A 47 32.95 -5.11 -7.32
N THR A 48 34.15 -4.65 -6.97
CA THR A 48 34.98 -5.41 -6.05
C THR A 48 34.37 -5.45 -4.65
N ILE A 49 33.73 -4.33 -4.25
CA ILE A 49 33.03 -4.27 -2.97
C ILE A 49 31.87 -5.27 -2.93
N VAL A 50 31.06 -5.31 -3.98
CA VAL A 50 29.90 -6.21 -3.95
C VAL A 50 30.34 -7.66 -4.17
N LYS A 51 31.53 -7.87 -4.74
CA LYS A 51 32.10 -9.21 -4.80
C LYS A 51 32.56 -9.67 -3.42
N GLN A 52 33.08 -8.76 -2.61
CA GLN A 52 33.68 -9.20 -1.35
C GLN A 52 32.68 -9.19 -0.19
N MET A 53 31.55 -8.49 -0.34
CA MET A 53 30.45 -8.70 0.60
C MET A 53 29.77 -10.05 0.37
N LYS A 54 29.62 -10.44 -0.88
CA LYS A 54 28.98 -11.70 -1.22
C LYS A 54 29.94 -12.87 -1.00
N THR A 182 20.36 -6.31 -16.60
CA THR A 182 20.20 -4.92 -17.01
C THR A 182 19.14 -4.24 -16.16
N GLY A 183 19.52 -3.13 -15.52
CA GLY A 183 18.57 -2.39 -14.72
C GLY A 183 19.13 -1.92 -13.40
N ILE A 184 18.49 -2.36 -12.31
CA ILE A 184 19.04 -2.24 -10.97
C ILE A 184 19.51 -3.63 -10.57
N VAL A 185 20.71 -3.70 -10.00
CA VAL A 185 21.32 -4.97 -9.59
C VAL A 185 21.21 -5.07 -8.08
N GLU A 186 20.75 -6.21 -7.60
CA GLU A 186 20.41 -6.40 -6.19
C GLU A 186 21.22 -7.55 -5.62
N THR A 187 21.69 -7.40 -4.39
CA THR A 187 22.51 -8.41 -3.73
C THR A 187 22.03 -8.64 -2.31
N HIS A 188 21.77 -9.91 -1.98
CA HIS A 188 21.42 -10.35 -0.63
C HIS A 188 22.64 -10.89 0.07
N PHE A 189 22.78 -10.56 1.36
CA PHE A 189 23.73 -11.22 2.25
C PHE A 189 23.29 -10.97 3.69
N THR A 190 23.39 -12.00 4.52
CA THR A 190 23.06 -11.92 5.94
C THR A 190 24.35 -11.87 6.72
N PHE A 191 24.53 -10.81 7.51
CA PHE A 191 25.71 -10.64 8.34
C PHE A 191 25.29 -10.38 9.78
N LYS A 192 25.66 -11.31 10.67
CA LYS A 192 25.37 -11.26 12.11
C LYS A 192 23.87 -11.17 12.39
N ASP A 193 23.10 -12.01 11.70
CA ASP A 193 21.65 -12.10 11.77
C ASP A 193 21.02 -10.74 11.48
N LEU A 194 21.38 -10.23 10.31
CA LEU A 194 20.85 -8.98 9.79
C LEU A 194 20.82 -9.09 8.28
N HIS A 195 19.64 -9.09 7.69
CA HIS A 195 19.50 -9.28 6.26
C HIS A 195 19.71 -7.94 5.55
N PHE A 196 20.67 -7.92 4.63
CA PHE A 196 20.95 -6.73 3.86
C PHE A 196 20.40 -6.89 2.46
N LYS A 197 20.09 -5.75 1.84
CA LYS A 197 19.74 -5.71 0.42
C LYS A 197 20.53 -4.57 -0.18
N MET A 198 21.51 -4.91 -1.00
CA MET A 198 22.36 -3.95 -1.68
C MET A 198 21.73 -3.63 -3.03
N PHE A 199 21.82 -2.36 -3.46
CA PHE A 199 21.22 -1.92 -4.71
C PHE A 199 22.25 -1.17 -5.55
N ASP A 200 22.90 -1.88 -6.46
CA ASP A 200 23.80 -1.25 -7.42
C ASP A 200 22.94 -0.65 -8.53
N VAL A 201 22.57 0.62 -8.36
CA VAL A 201 21.66 1.26 -9.29
C VAL A 201 22.43 1.91 -10.44
N GLY A 202 23.75 2.00 -10.34
CA GLY A 202 24.56 2.78 -11.26
C GLY A 202 24.72 2.22 -12.65
N GLY A 203 24.13 1.07 -12.95
CA GLY A 203 24.20 0.51 -14.28
C GLY A 203 23.37 1.25 -15.31
N GLN A 204 22.39 2.03 -14.87
CA GLN A 204 21.54 2.80 -15.77
C GLN A 204 21.99 4.25 -15.85
N ARG A 205 21.98 4.79 -17.06
CA ARG A 205 22.54 6.12 -17.33
C ARG A 205 21.40 7.02 -17.75
N SER A 206 20.69 7.56 -16.75
CA SER A 206 19.65 8.55 -16.96
C SER A 206 19.82 9.62 -15.89
N GLU A 207 19.07 10.71 -16.04
CA GLU A 207 19.13 11.77 -15.04
C GLU A 207 18.49 11.26 -13.75
N ARG A 208 19.30 11.24 -12.69
CA ARG A 208 18.93 10.52 -11.48
C ARG A 208 17.89 11.23 -10.64
N LYS A 209 17.59 12.50 -10.94
CA LYS A 209 16.61 13.26 -10.17
C LYS A 209 15.19 12.73 -10.34
N LYS A 210 14.95 11.88 -11.33
CA LYS A 210 13.65 11.32 -11.60
C LYS A 210 13.45 9.93 -11.01
N TRP A 211 14.48 9.34 -10.40
CA TRP A 211 14.27 8.07 -9.70
C TRP A 211 15.04 7.97 -8.39
N ILE A 212 15.73 9.02 -7.94
CA ILE A 212 16.47 8.92 -6.69
C ILE A 212 15.53 9.00 -5.49
N HIS A 213 14.29 9.44 -5.69
CA HIS A 213 13.31 9.45 -4.61
C HIS A 213 12.70 8.09 -4.36
N CYS A 214 12.96 7.10 -5.24
CA CYS A 214 12.60 5.72 -4.95
C CYS A 214 13.36 5.20 -3.76
N PHE A 215 14.58 5.67 -3.56
CA PHE A 215 15.43 5.24 -2.47
C PHE A 215 15.37 6.17 -1.28
N GLU A 216 14.36 7.03 -1.20
CA GLU A 216 14.06 7.71 0.04
C GLU A 216 13.74 6.70 1.12
N GLY A 217 14.39 6.84 2.26
CA GLY A 217 14.16 5.91 3.33
C GLY A 217 15.10 4.73 3.37
N VAL A 218 16.18 4.74 2.59
CA VAL A 218 17.21 3.73 2.78
C VAL A 218 17.94 4.00 4.09
N THR A 219 18.50 2.94 4.65
CA THR A 219 19.19 3.07 5.93
C THR A 219 20.54 3.76 5.77
N ALA A 220 21.35 3.27 4.84
CA ALA A 220 22.64 3.87 4.57
C ALA A 220 22.88 3.89 3.07
N ILE A 221 23.85 4.71 2.66
CA ILE A 221 24.19 4.88 1.27
C ILE A 221 25.68 4.56 1.14
N ILE A 222 26.00 3.35 0.72
CA ILE A 222 27.40 2.97 0.55
C ILE A 222 27.99 3.69 -0.66
N PHE A 223 29.04 4.45 -0.42
CA PHE A 223 29.64 5.29 -1.44
C PHE A 223 31.07 4.84 -1.65
N CYS A 224 31.37 4.35 -2.84
CA CYS A 224 32.69 3.86 -3.16
C CYS A 224 33.43 4.91 -3.98
N VAL A 225 34.53 5.41 -3.43
CA VAL A 225 35.41 6.35 -4.12
C VAL A 225 36.75 5.69 -4.33
N ALA A 226 37.24 5.72 -5.56
CA ALA A 226 38.57 5.18 -5.84
C ALA A 226 39.62 6.24 -5.51
N LEU A 227 40.55 5.89 -4.64
CA LEU A 227 41.67 6.77 -4.36
C LEU A 227 42.63 6.86 -5.53
N SER A 228 42.64 5.85 -6.41
CA SER A 228 43.51 5.86 -7.58
C SER A 228 43.05 6.84 -8.65
N ASP A 229 41.78 7.23 -8.67
CA ASP A 229 41.26 8.12 -9.70
C ASP A 229 41.51 9.60 -9.42
N TYR A 230 42.47 9.93 -8.58
CA TYR A 230 42.80 11.33 -8.35
C TYR A 230 43.50 11.92 -9.58
N ASP A 231 44.44 11.19 -10.17
CA ASP A 231 45.20 11.69 -11.30
C ASP A 231 44.58 11.32 -12.65
N LEU A 232 43.57 10.46 -12.66
CA LEU A 232 43.03 9.95 -13.91
C LEU A 232 41.91 10.86 -14.43
N VAL A 233 41.83 10.95 -15.75
CA VAL A 233 40.81 11.73 -16.43
C VAL A 233 40.00 10.84 -17.37
N ASN A 241 40.30 14.45 -13.38
CA ASN A 241 39.09 15.09 -12.87
C ASN A 241 38.01 14.04 -12.61
N ARG A 242 38.41 12.78 -12.61
CA ARG A 242 37.49 11.71 -12.24
C ARG A 242 37.18 11.75 -10.75
N MET A 243 38.17 12.10 -9.93
CA MET A 243 37.91 12.32 -8.51
C MET A 243 37.04 13.55 -8.31
N HIS A 244 37.20 14.56 -9.16
CA HIS A 244 36.31 15.71 -9.11
C HIS A 244 34.90 15.34 -9.57
N GLU A 245 34.77 14.38 -10.48
CA GLU A 245 33.46 13.85 -10.83
C GLU A 245 32.83 13.10 -9.66
N SER A 246 33.66 12.37 -8.90
CA SER A 246 33.18 11.70 -7.70
C SER A 246 32.71 12.69 -6.65
N MET A 247 33.44 13.80 -6.48
CA MET A 247 32.97 14.88 -5.61
C MET A 247 31.72 15.55 -6.14
N LYS A 248 31.57 15.66 -7.46
CA LYS A 248 30.33 16.20 -8.02
C LYS A 248 29.14 15.32 -7.67
N LEU A 249 29.29 14.00 -7.79
CA LEU A 249 28.16 13.12 -7.52
C LEU A 249 27.89 13.04 -6.02
N PHE A 250 28.95 13.05 -5.20
CA PHE A 250 28.80 13.08 -3.75
C PHE A 250 28.15 14.38 -3.28
N ASP A 251 28.50 15.51 -3.88
CA ASP A 251 27.90 16.78 -3.52
C ASP A 251 26.45 16.82 -3.99
N SER A 252 26.14 16.12 -5.08
CA SER A 252 24.77 16.09 -5.57
C SER A 252 23.87 15.28 -4.65
N ILE A 253 24.32 14.10 -4.20
CA ILE A 253 23.40 13.22 -3.50
C ILE A 253 23.55 13.30 -1.98
N CYS A 254 24.70 13.77 -1.48
CA CYS A 254 24.88 13.98 -0.06
C CYS A 254 24.04 15.14 0.45
N ASN A 255 23.80 16.13 -0.41
CA ASN A 255 22.96 17.28 -0.11
C ASN A 255 21.61 17.20 -0.81
N ASN A 256 21.21 16.01 -1.24
CA ASN A 256 19.92 15.83 -1.89
C ASN A 256 18.79 15.99 -0.89
N LYS A 257 17.64 16.46 -1.38
CA LYS A 257 16.51 16.74 -0.50
C LYS A 257 15.85 15.49 0.03
N TRP A 258 15.97 14.36 -0.67
CA TRP A 258 15.44 13.10 -0.19
C TRP A 258 16.38 12.40 0.78
N PHE A 259 17.62 12.88 0.89
CA PHE A 259 18.62 12.27 1.74
C PHE A 259 19.18 13.27 2.74
N THR A 260 18.31 14.07 3.34
CA THR A 260 18.76 15.04 4.33
C THR A 260 18.97 14.42 5.70
N ASP A 261 18.55 13.18 5.89
CA ASP A 261 18.67 12.48 7.15
C ASP A 261 19.51 11.22 7.07
N THR A 262 19.57 10.58 5.91
CA THR A 262 20.20 9.27 5.77
C THR A 262 21.72 9.39 5.90
N SER A 263 22.28 8.53 6.74
CA SER A 263 23.73 8.47 6.91
C SER A 263 24.36 7.88 5.67
N ILE A 264 25.62 8.25 5.43
CA ILE A 264 26.35 7.76 4.27
C ILE A 264 27.61 7.06 4.76
N ILE A 265 27.71 5.79 4.44
CA ILE A 265 28.97 5.07 4.52
C ILE A 265 29.80 5.44 3.30
N LEU A 266 31.05 5.81 3.51
CA LEU A 266 31.90 6.23 2.41
C LEU A 266 33.14 5.35 2.38
N PHE A 267 33.27 4.55 1.33
CA PHE A 267 34.40 3.64 1.19
C PHE A 267 35.48 4.32 0.36
N LEU A 268 36.71 4.29 0.86
CA LEU A 268 37.85 4.74 0.09
C LEU A 268 38.70 3.51 -0.22
N ASN A 269 38.39 2.85 -1.31
CA ASN A 269 39.14 1.67 -1.72
C ASN A 269 40.27 2.02 -2.69
N LYS A 270 40.92 0.97 -3.21
CA LYS A 270 42.17 1.06 -3.97
C LYS A 270 43.24 1.81 -3.19
N LYS A 271 43.33 1.55 -1.89
CA LYS A 271 44.28 2.28 -1.06
C LYS A 271 45.70 1.76 -1.26
N ASP A 272 45.85 0.51 -1.71
CA ASP A 272 47.19 0.00 -1.97
C ASP A 272 47.71 0.55 -3.30
N LEU A 273 46.81 0.69 -4.29
CA LEU A 273 47.13 1.40 -5.51
C LEU A 273 47.51 2.84 -5.22
N PHE A 274 46.83 3.46 -4.26
CA PHE A 274 47.27 4.76 -3.76
C PHE A 274 48.65 4.68 -3.13
N GLU A 275 48.95 3.56 -2.45
CA GLU A 275 50.23 3.42 -1.78
C GLU A 275 51.40 3.32 -2.77
N GLU A 276 51.17 2.87 -4.02
CA GLU A 276 52.26 3.16 -4.97
C GLU A 276 52.13 4.54 -5.60
N LYS A 277 50.95 4.92 -6.11
CA LYS A 277 50.89 6.16 -6.91
C LYS A 277 50.88 7.46 -6.09
N ILE A 278 51.18 7.42 -4.79
CA ILE A 278 51.52 8.66 -4.09
C ILE A 278 52.83 9.26 -4.60
N LYS A 279 53.84 8.42 -4.87
CA LYS A 279 55.19 8.93 -5.06
C LYS A 279 55.52 9.14 -6.54
N LYS A 280 54.73 8.56 -7.44
CA LYS A 280 54.99 8.72 -8.86
C LYS A 280 54.55 10.10 -9.34
N SER A 281 53.44 10.61 -8.79
CA SER A 281 52.89 11.89 -9.17
C SER A 281 52.19 12.49 -7.96
N PRO A 282 52.38 13.78 -7.68
CA PRO A 282 51.80 14.37 -6.48
C PRO A 282 50.31 14.63 -6.63
N LEU A 283 49.67 14.83 -5.48
CA LEU A 283 48.22 14.99 -5.42
C LEU A 283 47.79 16.42 -5.73
N THR A 284 48.74 17.33 -5.98
CA THR A 284 48.40 18.70 -6.31
C THR A 284 47.79 18.83 -7.70
N ILE A 285 47.99 17.83 -8.56
CA ILE A 285 47.40 17.88 -9.90
C ILE A 285 45.90 17.62 -9.83
N CYS A 286 45.45 16.94 -8.77
CA CYS A 286 44.01 16.75 -8.59
C CYS A 286 43.41 17.88 -7.77
N TYR A 287 44.03 18.21 -6.65
CA TYR A 287 43.48 19.18 -5.71
C TYR A 287 44.30 20.45 -5.82
N PRO A 288 43.66 21.60 -6.10
CA PRO A 288 44.43 22.80 -6.47
C PRO A 288 45.31 23.38 -5.38
N GLU A 289 44.87 23.42 -4.12
CA GLU A 289 45.78 23.95 -3.12
C GLU A 289 46.75 22.87 -2.60
N TYR A 290 46.25 21.86 -1.88
CA TYR A 290 47.01 20.77 -1.25
C TYR A 290 48.32 21.24 -0.60
N ALA A 291 48.17 22.01 0.49
CA ALA A 291 49.34 22.44 1.25
C ALA A 291 50.01 21.24 1.94
N GLY A 292 51.34 21.20 1.85
CA GLY A 292 52.14 20.23 2.59
C GLY A 292 52.04 18.79 2.11
N SER A 293 52.55 18.51 0.92
CA SER A 293 52.44 17.17 0.35
C SER A 293 53.38 16.18 1.06
N ASN A 294 52.86 14.99 1.32
CA ASN A 294 53.69 13.91 1.86
C ASN A 294 53.26 12.55 1.32
N THR A 295 53.66 11.49 2.01
CA THR A 295 53.40 10.12 1.61
C THR A 295 52.26 9.53 2.43
N TYR A 296 51.10 9.37 1.80
CA TYR A 296 50.05 8.40 2.12
C TYR A 296 49.25 8.70 3.38
N GLU A 297 49.66 9.67 4.21
CA GLU A 297 49.02 9.78 5.51
C GLU A 297 48.27 11.09 5.65
N GLU A 298 48.88 12.21 5.27
CA GLU A 298 48.14 13.45 5.21
C GLU A 298 47.39 13.59 3.90
N ALA A 299 47.83 12.91 2.84
CA ALA A 299 47.09 12.85 1.59
C ALA A 299 45.74 12.14 1.74
N ALA A 300 45.75 10.95 2.33
CA ALA A 300 44.52 10.21 2.56
C ALA A 300 43.61 10.93 3.54
N ALA A 301 44.19 11.56 4.56
CA ALA A 301 43.40 12.35 5.49
C ALA A 301 42.84 13.60 4.84
N TYR A 302 43.57 14.19 3.89
CA TYR A 302 43.05 15.35 3.17
C TYR A 302 41.91 14.97 2.27
N ILE A 303 41.99 13.81 1.61
CA ILE A 303 40.89 13.37 0.76
C ILE A 303 39.67 13.03 1.62
N GLN A 304 39.90 12.43 2.79
CA GLN A 304 38.85 12.21 3.79
C GLN A 304 38.19 13.52 4.22
N CYS A 305 39.00 14.53 4.56
CA CYS A 305 38.44 15.78 5.07
C CYS A 305 37.78 16.59 3.95
N GLN A 306 38.27 16.46 2.72
CA GLN A 306 37.66 17.14 1.60
C GLN A 306 36.36 16.48 1.16
N PHE A 307 36.21 15.17 1.37
CA PHE A 307 34.91 14.55 1.13
C PHE A 307 33.93 14.84 2.26
N GLU A 308 34.41 14.87 3.51
CA GLU A 308 33.50 14.84 4.65
C GLU A 308 32.78 16.18 4.86
N ASP A 309 33.39 17.29 4.48
CA ASP A 309 32.76 18.59 4.70
C ASP A 309 31.82 18.99 3.57
N LEU A 310 31.59 18.12 2.60
CA LEU A 310 30.74 18.46 1.47
C LEU A 310 29.27 18.56 1.87
N ASN A 311 28.84 17.84 2.89
CA ASN A 311 27.48 18.00 3.38
C ASN A 311 27.30 19.33 4.10
N LYS A 312 26.26 20.06 3.72
CA LYS A 312 26.03 21.37 4.30
C LYS A 312 25.38 21.27 5.67
N ARG A 313 24.66 20.19 5.93
CA ARG A 313 24.10 19.89 7.25
C ARG A 313 24.85 18.70 7.81
N LYS A 314 25.82 18.97 8.70
CA LYS A 314 26.61 17.92 9.31
C LYS A 314 25.99 17.39 10.60
N ASP A 315 24.88 17.98 11.06
CA ASP A 315 24.28 17.61 12.33
C ASP A 315 23.07 16.67 12.19
N THR A 316 22.30 16.79 11.12
CA THR A 316 21.18 15.89 10.93
C THR A 316 21.66 14.51 10.48
N LYS A 317 22.62 14.47 9.55
CA LYS A 317 23.19 13.23 9.06
C LYS A 317 24.64 13.12 9.50
N GLU A 318 25.16 11.90 9.42
CA GLU A 318 26.52 11.61 9.83
C GLU A 318 27.19 10.71 8.80
N ILE A 319 28.48 10.97 8.57
CA ILE A 319 29.26 10.31 7.52
C ILE A 319 30.23 9.34 8.18
N TYR A 320 30.33 8.14 7.63
CA TYR A 320 31.27 7.13 8.05
C TYR A 320 32.31 6.96 6.95
N THR A 321 33.50 6.50 7.31
CA THR A 321 34.58 6.38 6.33
C THR A 321 35.40 5.15 6.66
N HIS A 322 35.93 4.47 5.64
CA HIS A 322 36.80 3.33 5.88
C HIS A 322 37.74 3.17 4.71
N PHE A 323 39.03 3.35 4.96
CA PHE A 323 40.03 2.93 4.00
C PHE A 323 40.16 1.42 4.08
N THR A 324 40.07 0.74 2.94
CA THR A 324 39.90 -0.70 2.94
C THR A 324 40.81 -1.38 1.93
N CYS A 325 41.03 -2.67 2.15
CA CYS A 325 41.83 -3.52 1.27
C CYS A 325 40.91 -4.43 0.46
N ALA A 326 41.53 -5.28 -0.36
CA ALA A 326 40.77 -6.23 -1.16
C ALA A 326 40.59 -7.58 -0.46
N THR A 327 41.47 -7.92 0.48
CA THR A 327 41.39 -9.18 1.22
C THR A 327 41.32 -8.85 2.70
N ASP A 328 40.10 -8.56 3.18
CA ASP A 328 39.88 -8.18 4.57
C ASP A 328 38.39 -8.32 4.89
N THR A 329 38.10 -8.55 6.17
CA THR A 329 36.73 -8.67 6.65
C THR A 329 36.27 -7.42 7.39
N LYS A 330 37.03 -6.33 7.30
CA LYS A 330 36.64 -5.07 7.91
C LYS A 330 35.51 -4.37 7.15
N ASN A 331 35.20 -4.83 5.93
CA ASN A 331 34.22 -4.19 5.08
C ASN A 331 32.80 -4.39 5.60
N VAL A 332 32.36 -5.64 5.64
CA VAL A 332 31.01 -5.95 6.07
C VAL A 332 30.87 -5.75 7.58
N GLN A 333 31.98 -5.86 8.32
CA GLN A 333 32.02 -5.48 9.72
C GLN A 333 31.75 -4.00 9.90
N PHE A 334 32.38 -3.16 9.08
CA PHE A 334 32.16 -1.72 9.22
C PHE A 334 30.74 -1.35 8.78
N VAL A 335 30.23 -2.04 7.77
CA VAL A 335 28.87 -1.80 7.31
C VAL A 335 27.88 -2.14 8.42
N PHE A 336 28.09 -3.25 9.11
CA PHE A 336 27.24 -3.60 10.25
C PHE A 336 27.34 -2.57 11.38
N ASP A 337 28.55 -2.14 11.72
CA ASP A 337 28.72 -1.21 12.82
C ASP A 337 28.32 0.22 12.46
N ALA A 338 28.14 0.54 11.18
CA ALA A 338 27.62 1.85 10.80
C ALA A 338 26.12 1.82 10.58
N VAL A 339 25.56 0.69 10.17
CA VAL A 339 24.11 0.53 10.12
C VAL A 339 23.53 0.46 11.53
N THR A 340 24.28 -0.07 12.49
CA THR A 340 23.76 -0.23 13.86
C THR A 340 23.40 1.09 14.53
N ASP A 341 24.13 2.17 14.22
CA ASP A 341 23.75 3.49 14.71
C ASP A 341 22.42 3.96 14.12
N VAL A 342 22.23 3.72 12.82
CA VAL A 342 20.97 4.05 12.15
C VAL A 342 19.84 3.19 12.68
N ILE A 343 20.11 1.94 13.00
CA ILE A 343 19.11 1.04 13.55
C ILE A 343 18.71 1.49 14.96
N ILE A 344 19.68 1.97 15.74
CA ILE A 344 19.39 2.55 17.06
C ILE A 344 18.52 3.79 16.91
N LYS A 345 18.86 4.67 15.95
CA LYS A 345 18.07 5.87 15.73
C LYS A 345 16.66 5.55 15.25
N ASN A 346 16.49 4.52 14.43
CA ASN A 346 15.17 4.12 13.98
C ASN A 346 14.39 3.40 15.06
N ASN A 347 15.07 2.68 15.96
CA ASN A 347 14.42 2.11 17.12
C ASN A 347 13.90 3.19 18.07
N LEU A 348 14.62 4.31 18.15
CA LEU A 348 14.13 5.41 18.96
C LEU A 348 13.08 6.24 18.25
N LYS A 349 13.12 6.30 16.92
CA LYS A 349 12.04 6.95 16.19
C LYS A 349 10.75 6.13 16.29
N ASP A 350 10.87 4.81 16.29
CA ASP A 350 9.69 3.96 16.47
C ASP A 350 9.14 4.07 17.88
N CYS A 351 10.00 4.36 18.86
CA CYS A 351 9.58 4.47 20.25
C CYS A 351 9.35 5.90 20.69
N GLY A 352 8.89 6.77 19.77
CA GLY A 352 8.46 8.11 20.08
C GLY A 352 9.52 9.01 20.65
N LEU A 353 10.74 8.96 20.12
CA LEU A 353 11.86 9.57 20.82
C LEU A 353 12.91 10.10 19.85
N SER B 20 31.96 24.60 -42.45
CA SER B 20 31.16 23.68 -41.65
C SER B 20 29.77 23.52 -42.25
N GLU B 21 29.57 22.41 -42.97
CA GLU B 21 28.30 22.16 -43.66
C GLU B 21 27.18 21.89 -42.66
N LEU B 22 27.50 21.24 -41.54
CA LEU B 22 26.50 21.00 -40.50
C LEU B 22 26.05 22.30 -39.84
N ASP B 23 26.90 23.34 -39.83
CA ASP B 23 26.45 24.65 -39.37
C ASP B 23 25.41 25.24 -40.30
N GLN B 24 25.59 25.07 -41.61
CA GLN B 24 24.57 25.49 -42.58
C GLN B 24 23.30 24.67 -42.40
N LEU B 25 23.44 23.39 -42.09
CA LEU B 25 22.28 22.54 -41.78
C LEU B 25 21.56 23.01 -40.52
N ARG B 26 22.32 23.48 -39.52
CA ARG B 26 21.71 24.00 -38.31
C ARG B 26 21.01 25.34 -38.55
N GLN B 27 21.55 26.17 -39.44
CA GLN B 27 20.83 27.39 -39.83
C GLN B 27 19.57 27.07 -40.61
N GLU B 28 19.60 26.02 -41.43
CA GLU B 28 18.38 25.53 -42.09
C GLU B 28 17.35 25.05 -41.08
N ALA B 29 17.82 24.34 -40.05
CA ALA B 29 16.93 23.90 -38.97
C ALA B 29 16.37 25.10 -38.20
N GLU B 30 17.19 26.13 -38.00
CA GLU B 30 16.73 27.31 -37.27
C GLU B 30 15.66 28.08 -38.03
N GLN B 31 15.87 28.31 -39.33
CA GLN B 31 14.83 28.96 -40.11
C GLN B 31 13.62 28.06 -40.32
N LEU B 32 13.79 26.74 -40.25
CA LEU B 32 12.65 25.85 -40.31
C LEU B 32 11.80 25.90 -39.05
N LYS B 33 12.42 25.95 -37.86
CA LYS B 33 11.60 26.14 -36.66
C LYS B 33 11.00 27.53 -36.59
N ASN B 34 11.70 28.55 -37.12
CA ASN B 34 11.11 29.89 -37.18
C ASN B 34 9.90 29.92 -38.10
N GLN B 35 9.97 29.24 -39.25
CA GLN B 35 8.82 29.10 -40.12
C GLN B 35 7.70 28.30 -39.46
N ILE B 36 8.06 27.33 -38.61
CA ILE B 36 7.05 26.53 -37.91
C ILE B 36 6.30 27.39 -36.88
N ARG B 37 7.03 28.18 -36.08
CA ARG B 37 6.32 29.03 -35.12
C ARG B 37 5.63 30.20 -35.80
N ASP B 38 6.06 30.58 -37.00
CA ASP B 38 5.30 31.51 -37.81
C ASP B 38 3.97 30.90 -38.26
N ALA B 39 4.00 29.63 -38.69
CA ALA B 39 2.79 28.95 -39.11
C ALA B 39 1.83 28.71 -37.95
N ARG B 40 2.35 28.42 -36.76
CA ARG B 40 1.49 28.33 -35.58
C ARG B 40 0.98 29.69 -35.13
N LYS B 41 1.79 30.73 -35.27
CA LYS B 41 1.36 32.07 -34.87
C LYS B 41 0.34 32.65 -35.83
N ALA B 42 0.39 32.25 -37.11
CA ALA B 42 -0.53 32.78 -38.11
C ALA B 42 -1.96 32.29 -37.91
N CYS B 43 -2.16 31.19 -37.19
CA CYS B 43 -3.49 30.67 -36.93
C CYS B 43 -3.99 30.97 -35.52
N ALA B 44 -3.24 31.73 -34.73
CA ALA B 44 -3.64 32.06 -33.36
C ALA B 44 -4.49 33.33 -33.36
N ASP B 45 -5.65 33.22 -33.99
CA ASP B 45 -6.54 34.39 -34.13
C ASP B 45 -7.21 34.74 -32.82
N ALA B 46 -7.38 33.76 -31.93
CA ALA B 46 -8.04 33.99 -30.66
C ALA B 46 -7.50 33.00 -29.63
N THR B 47 -7.76 33.30 -28.37
CA THR B 47 -7.42 32.38 -27.28
C THR B 47 -8.64 31.54 -26.92
N LEU B 48 -8.40 30.43 -26.22
CA LEU B 48 -9.51 29.66 -25.69
C LEU B 48 -10.22 30.39 -24.56
N SER B 49 -9.46 31.21 -23.80
CA SER B 49 -10.01 31.91 -22.65
C SER B 49 -11.09 32.92 -23.03
N GLN B 50 -10.90 33.65 -24.13
CA GLN B 50 -11.91 34.62 -24.53
C GLN B 50 -13.12 33.94 -25.15
N ILE B 51 -12.95 32.71 -25.67
CA ILE B 51 -14.09 31.95 -26.16
C ILE B 51 -14.91 31.45 -24.98
N THR B 52 -14.25 30.94 -23.94
CA THR B 52 -14.92 30.46 -22.75
C THR B 52 -15.15 31.56 -21.71
N ASN B 53 -14.99 32.82 -22.09
CA ASN B 53 -15.40 33.90 -21.19
C ASN B 53 -16.92 33.96 -21.09
N ASN B 54 -17.62 33.54 -22.13
CA ASN B 54 -19.07 33.55 -22.12
C ASN B 54 -19.66 32.39 -21.31
N ILE B 55 -18.98 31.25 -21.26
CA ILE B 55 -19.59 30.03 -20.75
C ILE B 55 -19.70 30.11 -19.22
N ASP B 56 -20.74 29.49 -18.69
CA ASP B 56 -21.01 29.54 -17.26
C ASP B 56 -20.00 28.69 -16.50
N PRO B 57 -19.35 29.23 -15.46
CA PRO B 57 -18.49 28.40 -14.62
C PRO B 57 -19.28 27.36 -13.85
N VAL B 58 -18.59 26.29 -13.47
CA VAL B 58 -19.22 25.16 -12.80
C VAL B 58 -19.24 25.34 -11.29
N GLY B 59 -18.51 26.32 -10.76
CA GLY B 59 -18.51 26.57 -9.34
C GLY B 59 -17.56 25.65 -8.59
N ARG B 60 -17.87 25.45 -7.31
CA ARG B 60 -17.04 24.62 -6.46
C ARG B 60 -17.49 23.17 -6.54
N ILE B 61 -16.57 22.28 -6.89
CA ILE B 61 -16.84 20.85 -6.95
C ILE B 61 -16.51 20.28 -5.59
N GLN B 62 -17.53 20.05 -4.77
CA GLN B 62 -17.32 19.57 -3.42
C GLN B 62 -17.23 18.04 -3.45
N MET B 63 -16.03 17.55 -3.72
CA MET B 63 -15.75 16.13 -3.75
C MET B 63 -15.29 15.67 -2.38
N ARG B 64 -15.79 14.52 -1.95
CA ARG B 64 -15.38 13.93 -0.70
C ARG B 64 -14.96 12.48 -0.94
N THR B 65 -14.09 12.00 -0.05
CA THR B 65 -13.57 10.64 -0.15
C THR B 65 -14.68 9.63 0.09
N ARG B 66 -14.98 8.81 -0.90
CA ARG B 66 -15.91 7.74 -0.67
C ARG B 66 -15.22 6.55 -0.02
N ARG B 67 -14.17 6.04 -0.66
CA ARG B 67 -13.40 4.92 -0.14
C ARG B 67 -11.95 5.32 0.03
N THR B 68 -11.32 4.78 1.07
CA THR B 68 -9.88 4.87 1.26
C THR B 68 -9.33 3.45 1.22
N LEU B 69 -8.51 3.16 0.21
CA LEU B 69 -7.96 1.83 0.01
C LEU B 69 -6.62 1.74 0.74
N ARG B 70 -6.54 0.85 1.73
CA ARG B 70 -5.43 0.79 2.67
C ARG B 70 -4.85 -0.63 2.74
N GLY B 71 -3.91 -0.91 1.85
CA GLY B 71 -3.19 -2.16 1.92
C GLY B 71 -1.71 -2.07 1.61
N HIS B 72 -1.29 -0.95 1.02
CA HIS B 72 0.11 -0.77 0.67
C HIS B 72 0.89 -0.32 1.90
N LEU B 73 2.18 -0.60 1.88
CA LEU B 73 3.07 -0.29 2.99
C LEU B 73 4.23 0.60 2.57
N ALA B 74 4.25 1.05 1.32
CA ALA B 74 5.30 1.92 0.81
C ALA B 74 4.64 2.96 -0.07
N LYS B 75 5.47 3.77 -0.73
CA LYS B 75 4.95 4.83 -1.58
C LYS B 75 4.32 4.25 -2.83
N ILE B 76 3.10 4.68 -3.13
CA ILE B 76 2.37 4.22 -4.30
C ILE B 76 2.85 5.06 -5.47
N TYR B 77 3.40 4.41 -6.49
CA TYR B 77 3.98 5.15 -7.58
C TYR B 77 3.03 5.25 -8.76
N ALA B 78 2.19 4.25 -8.98
CA ALA B 78 1.28 4.27 -10.10
C ALA B 78 -0.03 3.59 -9.75
N MET B 79 -1.01 3.86 -10.60
CA MET B 79 -2.35 3.33 -10.48
C MET B 79 -2.96 3.37 -11.88
N HIS B 80 -3.83 2.40 -12.15
CA HIS B 80 -4.58 2.44 -13.41
C HIS B 80 -5.94 1.82 -13.19
N TRP B 81 -6.97 2.48 -13.71
CA TRP B 81 -8.34 1.98 -13.62
C TRP B 81 -8.59 0.93 -14.70
N GLY B 82 -9.41 -0.05 -14.36
CA GLY B 82 -9.90 -0.95 -15.38
C GLY B 82 -10.95 -0.30 -16.24
N THR B 83 -11.27 -0.94 -17.35
CA THR B 83 -12.28 -0.38 -18.24
C THR B 83 -13.70 -0.63 -17.78
N ASP B 84 -13.93 -1.50 -16.81
CA ASP B 84 -15.26 -1.68 -16.26
C ASP B 84 -15.50 -0.81 -15.05
N SER B 85 -14.56 0.10 -14.74
CA SER B 85 -14.68 1.18 -13.77
C SER B 85 -14.85 0.69 -12.34
N ARG B 86 -14.54 -0.57 -12.08
CA ARG B 86 -14.62 -1.13 -10.74
C ARG B 86 -13.28 -1.67 -10.26
N LEU B 87 -12.52 -2.34 -11.11
CA LEU B 87 -11.23 -2.84 -10.70
C LEU B 87 -10.17 -1.80 -11.01
N LEU B 88 -9.26 -1.57 -10.07
CA LEU B 88 -8.10 -0.73 -10.29
C LEU B 88 -6.87 -1.42 -9.74
N VAL B 89 -5.78 -1.30 -10.46
CA VAL B 89 -4.48 -1.81 -10.06
C VAL B 89 -3.68 -0.65 -9.49
N SER B 90 -2.94 -0.91 -8.41
CA SER B 90 -2.04 0.09 -7.86
C SER B 90 -0.71 -0.58 -7.55
N ALA B 91 0.38 0.07 -7.92
CA ALA B 91 1.72 -0.49 -7.74
C ALA B 91 2.51 0.37 -6.77
N SER B 92 2.97 -0.23 -5.68
CA SER B 92 3.75 0.48 -4.69
C SER B 92 5.16 -0.10 -4.62
N GLN B 93 6.02 0.56 -3.85
CA GLN B 93 7.43 0.20 -3.77
C GLN B 93 7.70 -0.92 -2.78
N ASP B 94 6.65 -1.49 -2.18
CA ASP B 94 6.81 -2.65 -1.32
C ASP B 94 6.76 -3.96 -2.09
N GLY B 95 7.06 -3.92 -3.40
CA GLY B 95 7.13 -5.11 -4.21
C GLY B 95 5.79 -5.71 -4.54
N LYS B 96 4.70 -4.99 -4.31
CA LYS B 96 3.36 -5.49 -4.55
C LYS B 96 2.65 -4.58 -5.53
N LEU B 97 1.94 -5.18 -6.48
CA LEU B 97 0.84 -4.50 -7.14
C LEU B 97 -0.43 -5.20 -6.71
N ILE B 98 -1.41 -4.42 -6.28
CA ILE B 98 -2.67 -4.95 -5.76
C ILE B 98 -3.78 -4.53 -6.68
N ILE B 99 -4.66 -5.45 -7.01
CA ILE B 99 -5.86 -5.16 -7.78
C ILE B 99 -7.04 -5.11 -6.82
N TRP B 100 -7.77 -4.00 -6.85
CA TRP B 100 -8.80 -3.72 -5.88
C TRP B 100 -10.18 -3.87 -6.50
N ASP B 101 -11.16 -4.15 -5.64
CA ASP B 101 -12.58 -4.00 -5.95
C ASP B 101 -12.97 -2.67 -5.33
N SER B 102 -13.15 -1.66 -6.17
CA SER B 102 -13.22 -0.29 -5.66
C SER B 102 -14.53 -0.01 -4.94
N TYR B 103 -15.58 -0.78 -5.24
CA TYR B 103 -16.86 -0.58 -4.57
C TYR B 103 -16.82 -1.15 -3.16
N THR B 104 -16.11 -2.25 -2.99
CA THR B 104 -16.13 -3.00 -1.74
C THR B 104 -14.84 -2.77 -0.92
N THR B 105 -13.83 -2.10 -1.52
CA THR B 105 -12.47 -1.98 -0.99
C THR B 105 -11.85 -3.35 -0.72
N ASN B 106 -12.15 -4.30 -1.59
CA ASN B 106 -11.66 -5.66 -1.48
C ASN B 106 -10.48 -5.84 -2.41
N LYS B 107 -9.49 -6.59 -1.94
CA LYS B 107 -8.33 -6.91 -2.77
C LYS B 107 -8.59 -8.23 -3.46
N VAL B 108 -8.78 -8.18 -4.78
CA VAL B 108 -9.03 -9.41 -5.50
C VAL B 108 -7.74 -10.11 -5.88
N HIS B 109 -6.63 -9.39 -5.96
CA HIS B 109 -5.34 -9.96 -6.32
C HIS B 109 -4.25 -9.12 -5.68
N ALA B 110 -3.33 -9.76 -4.98
CA ALA B 110 -2.07 -9.16 -4.62
C ALA B 110 -0.99 -9.86 -5.42
N ILE B 111 -0.23 -9.11 -6.19
CA ILE B 111 0.79 -9.67 -7.06
C ILE B 111 2.15 -9.27 -6.51
N PRO B 112 2.99 -10.22 -6.11
CA PRO B 112 4.37 -9.87 -5.74
C PRO B 112 5.22 -9.67 -6.99
N LEU B 113 5.98 -8.60 -7.00
CA LEU B 113 6.76 -8.24 -8.18
C LEU B 113 8.15 -8.85 -8.12
N ARG B 114 8.74 -9.02 -9.30
CA ARG B 114 10.11 -9.54 -9.37
C ARG B 114 11.11 -8.53 -8.82
N SER B 115 10.98 -7.27 -9.18
CA SER B 115 11.75 -6.20 -8.59
C SER B 115 10.82 -5.26 -7.86
N SER B 116 11.25 -4.80 -6.68
CA SER B 116 10.43 -3.90 -5.88
C SER B 116 10.32 -2.53 -6.51
N TRP B 117 11.31 -2.13 -7.31
CA TRP B 117 11.42 -0.74 -7.76
C TRP B 117 10.54 -0.53 -8.97
N VAL B 118 9.24 -0.48 -8.73
CA VAL B 118 8.25 -0.27 -9.77
C VAL B 118 7.89 1.21 -9.83
N MET B 119 7.58 1.68 -11.03
CA MET B 119 7.33 3.09 -11.23
C MET B 119 6.10 3.30 -12.11
N THR B 120 5.61 2.21 -12.70
CA THR B 120 4.44 2.27 -13.56
C THR B 120 3.63 1.01 -13.42
N CYS B 121 2.35 1.10 -13.80
CA CYS B 121 1.48 -0.05 -13.89
C CYS B 121 0.38 0.25 -14.89
N ALA B 122 -0.19 -0.80 -15.45
CA ALA B 122 -1.25 -0.66 -16.43
C ALA B 122 -2.28 -1.73 -16.18
N TYR B 123 -3.45 -1.55 -16.76
CA TYR B 123 -4.50 -2.54 -16.69
C TYR B 123 -4.93 -2.78 -18.14
N ALA B 124 -5.15 -4.02 -18.52
CA ALA B 124 -5.54 -4.23 -19.90
C ALA B 124 -6.99 -3.82 -20.12
N PRO B 125 -7.32 -3.32 -21.32
CA PRO B 125 -8.72 -3.00 -21.62
C PRO B 125 -9.61 -4.22 -21.67
N SER B 126 -9.06 -5.39 -22.02
CA SER B 126 -9.80 -6.63 -21.89
C SER B 126 -9.93 -7.09 -20.44
N GLY B 127 -9.14 -6.52 -19.54
CA GLY B 127 -9.14 -6.92 -18.15
C GLY B 127 -8.31 -8.13 -17.84
N ASN B 128 -7.62 -8.69 -18.84
CA ASN B 128 -6.95 -9.98 -18.64
C ASN B 128 -5.58 -9.80 -18.01
N TYR B 129 -4.91 -8.69 -18.30
CA TYR B 129 -3.51 -8.52 -17.92
C TYR B 129 -3.31 -7.22 -17.18
N VAL B 130 -2.29 -7.21 -16.34
CA VAL B 130 -1.69 -5.97 -15.85
C VAL B 130 -0.23 -6.01 -16.25
N ALA B 131 0.39 -4.84 -16.34
CA ALA B 131 1.78 -4.74 -16.77
C ALA B 131 2.46 -3.63 -16.00
N CYS B 132 3.47 -3.99 -15.20
CA CYS B 132 4.18 -3.02 -14.39
C CYS B 132 5.66 -3.05 -14.74
N GLY B 133 6.33 -1.93 -14.51
CA GLY B 133 7.75 -1.83 -14.77
C GLY B 133 8.38 -0.72 -13.96
N GLY B 134 9.70 -0.69 -14.00
CA GLY B 134 10.42 0.30 -13.22
C GLY B 134 11.90 0.30 -13.45
N LEU B 135 12.67 0.33 -12.36
CA LEU B 135 14.13 0.41 -12.44
C LEU B 135 14.77 -0.88 -12.95
N ASP B 136 14.03 -1.99 -12.97
CA ASP B 136 14.49 -3.24 -13.56
C ASP B 136 14.53 -3.22 -15.09
N ASN B 137 14.03 -2.15 -15.69
CA ASN B 137 13.96 -1.89 -17.14
C ASN B 137 13.06 -2.87 -17.86
N ILE B 138 12.12 -3.51 -17.14
CA ILE B 138 11.29 -4.55 -17.69
C ILE B 138 9.84 -4.28 -17.33
N CYS B 139 8.97 -4.12 -18.33
CA CYS B 139 7.54 -3.98 -18.11
C CYS B 139 6.98 -5.40 -18.20
N SER B 140 7.05 -6.12 -17.08
CA SER B 140 6.57 -7.49 -16.96
C SER B 140 5.06 -7.52 -17.05
N ILE B 141 4.52 -8.56 -17.67
CA ILE B 141 3.11 -8.67 -17.95
C ILE B 141 2.55 -9.87 -17.21
N TYR B 142 1.50 -9.64 -16.41
CA TYR B 142 0.96 -10.65 -15.51
C TYR B 142 -0.41 -11.08 -16.01
N ASN B 143 -0.60 -12.38 -16.17
CA ASN B 143 -1.89 -12.93 -16.55
C ASN B 143 -2.74 -13.11 -15.30
N LEU B 144 -3.94 -12.56 -15.31
CA LEU B 144 -4.85 -12.66 -14.17
C LEU B 144 -5.88 -13.76 -14.33
N LYS B 145 -6.32 -14.02 -15.55
CA LYS B 145 -7.30 -15.07 -15.82
C LYS B 145 -6.57 -16.35 -16.23
N THR B 146 -5.94 -16.97 -15.24
CA THR B 146 -5.18 -18.19 -15.45
C THR B 146 -5.99 -19.40 -15.02
N ARG B 147 -5.72 -20.54 -15.66
CA ARG B 147 -6.38 -21.78 -15.31
C ARG B 147 -5.89 -22.33 -13.98
N GLU B 148 -4.63 -22.07 -13.63
CA GLU B 148 -4.06 -22.50 -12.36
C GLU B 148 -4.47 -21.62 -11.20
N GLY B 149 -5.13 -20.50 -11.45
CA GLY B 149 -5.73 -19.71 -10.41
C GLY B 149 -4.80 -18.74 -9.70
N ASN B 150 -3.50 -18.87 -9.89
CA ASN B 150 -2.57 -17.86 -9.40
C ASN B 150 -2.24 -16.90 -10.52
N VAL B 151 -1.92 -15.67 -10.13
CA VAL B 151 -1.41 -14.70 -11.09
C VAL B 151 0.08 -14.95 -11.32
N ARG B 152 0.45 -15.09 -12.58
CA ARG B 152 1.82 -15.43 -12.94
C ARG B 152 2.27 -14.51 -14.05
N VAL B 153 3.59 -14.32 -14.13
CA VAL B 153 4.18 -13.51 -15.19
C VAL B 153 3.99 -14.23 -16.51
N SER B 154 3.47 -13.52 -17.50
CA SER B 154 3.27 -14.11 -18.81
C SER B 154 4.36 -13.75 -19.79
N ARG B 155 4.89 -12.53 -19.72
CA ARG B 155 5.95 -12.11 -20.63
C ARG B 155 6.81 -11.04 -19.98
N GLU B 156 8.12 -11.19 -20.10
CA GLU B 156 9.08 -10.19 -19.67
C GLU B 156 9.54 -9.40 -20.88
N LEU B 157 9.40 -8.08 -20.83
CA LEU B 157 9.72 -7.24 -21.97
C LEU B 157 11.02 -6.50 -21.67
N ALA B 158 12.13 -7.13 -21.99
CA ALA B 158 13.43 -6.48 -21.90
C ALA B 158 13.82 -5.88 -23.24
N GLY B 159 14.63 -4.83 -23.18
CA GLY B 159 15.06 -4.16 -24.38
C GLY B 159 15.24 -2.67 -24.20
N HIS B 160 14.61 -2.11 -23.18
CA HIS B 160 14.84 -0.73 -22.82
C HIS B 160 16.10 -0.63 -21.98
N THR B 161 16.89 0.42 -22.21
CA THR B 161 18.13 0.62 -21.49
C THR B 161 18.03 1.74 -20.46
N GLY B 162 16.80 2.16 -20.15
CA GLY B 162 16.54 3.14 -19.12
C GLY B 162 15.25 2.76 -18.43
N TYR B 163 15.07 3.33 -17.23
CA TYR B 163 13.97 2.97 -16.34
C TYR B 163 12.61 3.21 -17.00
N LEU B 164 11.70 2.26 -16.83
CA LEU B 164 10.39 2.34 -17.46
C LEU B 164 9.50 3.25 -16.66
N SER B 165 8.99 4.29 -17.30
CA SER B 165 8.26 5.32 -16.58
C SER B 165 6.76 5.16 -16.77
N CYS B 166 6.33 4.71 -17.93
CA CYS B 166 4.92 4.48 -18.19
C CYS B 166 4.77 3.42 -19.26
N CYS B 167 4.01 2.38 -18.97
CA CYS B 167 3.64 1.43 -20.01
C CYS B 167 2.13 1.32 -20.06
N ARG B 168 1.57 1.37 -21.28
CA ARG B 168 0.14 1.45 -21.55
C ARG B 168 -0.26 0.36 -22.51
N PHE B 169 -1.40 -0.27 -22.26
CA PHE B 169 -1.89 -1.38 -23.06
C PHE B 169 -2.72 -0.88 -24.24
N LEU B 170 -2.44 -1.40 -25.43
CA LEU B 170 -3.37 -1.20 -26.54
C LEU B 170 -4.37 -2.33 -26.63
N ASP B 171 -3.90 -3.57 -26.55
CA ASP B 171 -4.73 -4.76 -26.70
C ASP B 171 -4.17 -5.82 -25.76
N ASP B 172 -4.56 -7.08 -25.98
CA ASP B 172 -3.94 -8.18 -25.27
C ASP B 172 -2.58 -8.57 -25.83
N ASN B 173 -2.15 -7.96 -26.94
CA ASN B 173 -0.99 -8.45 -27.64
C ASN B 173 -0.07 -7.27 -27.99
N GLN B 174 -0.53 -6.05 -27.78
CA GLN B 174 0.30 -4.87 -28.04
C GLN B 174 0.32 -3.97 -26.82
N ILE B 175 1.49 -3.41 -26.53
CA ILE B 175 1.69 -2.53 -25.38
C ILE B 175 2.75 -1.50 -25.72
N VAL B 176 2.42 -0.23 -25.54
CA VAL B 176 3.34 0.86 -25.78
C VAL B 176 3.93 1.28 -24.44
N THR B 177 5.26 1.26 -24.34
CA THR B 177 5.98 1.55 -23.11
C THR B 177 6.83 2.79 -23.28
N SER B 178 6.96 3.57 -22.21
CA SER B 178 7.83 4.73 -22.13
C SER B 178 8.92 4.48 -21.11
N SER B 179 10.15 4.80 -21.49
CA SER B 179 11.25 4.48 -20.61
C SER B 179 12.18 5.67 -20.47
N GLY B 180 13.15 5.53 -19.58
CA GLY B 180 14.15 6.53 -19.31
C GLY B 180 15.35 6.51 -20.22
N ASP B 181 15.31 5.73 -21.30
CA ASP B 181 16.35 5.76 -22.32
C ASP B 181 15.96 6.63 -23.50
N THR B 182 15.14 7.66 -23.26
CA THR B 182 14.65 8.66 -24.19
C THR B 182 13.85 8.10 -25.36
N THR B 183 13.46 6.83 -25.32
CA THR B 183 12.69 6.21 -26.39
C THR B 183 11.41 5.61 -25.86
N CYS B 184 10.38 5.62 -26.69
CA CYS B 184 9.17 4.86 -26.46
C CYS B 184 9.16 3.69 -27.42
N ALA B 185 8.54 2.59 -27.00
CA ALA B 185 8.55 1.38 -27.82
C ALA B 185 7.18 0.75 -27.83
N LEU B 186 6.79 0.20 -28.98
CA LEU B 186 5.57 -0.57 -29.12
C LEU B 186 5.94 -2.05 -29.25
N TRP B 187 5.30 -2.88 -28.47
CA TRP B 187 5.73 -4.25 -28.28
C TRP B 187 4.71 -5.23 -28.84
N ASP B 188 5.17 -6.45 -29.06
CA ASP B 188 4.31 -7.60 -29.27
C ASP B 188 4.50 -8.52 -28.09
N ILE B 189 3.42 -8.88 -27.43
CA ILE B 189 3.54 -9.62 -26.18
C ILE B 189 3.85 -11.09 -26.44
N GLU B 190 3.40 -11.65 -27.57
CA GLU B 190 3.68 -13.05 -27.86
C GLU B 190 5.15 -13.29 -28.17
N THR B 191 5.74 -12.44 -29.03
CA THR B 191 7.17 -12.57 -29.30
C THR B 191 8.00 -12.04 -28.14
N GLY B 192 7.59 -10.93 -27.54
CA GLY B 192 8.42 -10.23 -26.59
C GLY B 192 9.40 -9.27 -27.21
N GLN B 193 9.33 -9.08 -28.53
CA GLN B 193 10.23 -8.20 -29.26
C GLN B 193 9.47 -6.93 -29.62
N GLN B 194 10.10 -5.78 -29.39
CA GLN B 194 9.46 -4.50 -29.68
C GLN B 194 9.40 -4.29 -31.19
N THR B 195 8.20 -3.97 -31.70
CA THR B 195 7.99 -3.89 -33.14
C THR B 195 8.26 -2.51 -33.71
N THR B 196 8.09 -1.47 -32.90
CA THR B 196 8.36 -0.10 -33.33
C THR B 196 9.08 0.61 -32.20
N THR B 197 10.03 1.46 -32.56
CA THR B 197 10.72 2.31 -31.60
C THR B 197 10.42 3.77 -31.93
N PHE B 198 10.13 4.55 -30.91
CA PHE B 198 9.73 5.94 -31.06
C PHE B 198 10.84 6.82 -30.49
N THR B 199 11.74 7.25 -31.37
CA THR B 199 12.88 8.06 -30.99
C THR B 199 12.67 9.51 -31.40
N GLY B 200 13.32 10.41 -30.67
CA GLY B 200 13.29 11.82 -31.00
C GLY B 200 13.29 12.68 -29.77
N HIS B 201 12.86 12.11 -28.65
CA HIS B 201 12.99 12.79 -27.37
C HIS B 201 14.45 12.84 -26.96
N THR B 202 14.93 14.02 -26.57
CA THR B 202 16.32 14.13 -26.19
C THR B 202 16.52 13.83 -24.72
N GLY B 203 15.62 14.32 -23.87
CA GLY B 203 15.54 13.88 -22.50
C GLY B 203 14.73 12.60 -22.39
N ASP B 204 14.66 12.08 -21.17
CA ASP B 204 14.07 10.78 -20.92
C ASP B 204 12.57 10.88 -20.66
N VAL B 205 11.81 9.95 -21.23
CA VAL B 205 10.37 10.08 -21.37
C VAL B 205 9.70 9.60 -20.09
N MET B 206 8.92 10.47 -19.45
CA MET B 206 8.28 10.15 -18.19
C MET B 206 6.80 9.79 -18.32
N SER B 207 6.09 10.35 -19.28
CA SER B 207 4.65 10.17 -19.29
C SER B 207 4.22 9.74 -20.69
N LEU B 208 3.05 9.11 -20.75
CA LEU B 208 2.54 8.57 -22.00
C LEU B 208 1.04 8.35 -21.86
N SER B 209 0.30 8.61 -22.94
CA SER B 209 -1.15 8.40 -22.91
C SER B 209 -1.63 8.10 -24.32
N LEU B 210 -2.49 7.10 -24.44
CA LEU B 210 -3.02 6.69 -25.72
C LEU B 210 -4.25 7.51 -26.08
N ALA B 211 -4.44 7.72 -27.38
CA ALA B 211 -5.67 8.30 -27.88
C ALA B 211 -6.81 7.31 -27.73
N PRO B 212 -8.07 7.79 -27.68
CA PRO B 212 -9.21 6.86 -27.61
C PRO B 212 -9.33 5.89 -28.78
N ASP B 213 -8.96 6.30 -29.99
CA ASP B 213 -8.99 5.36 -31.11
C ASP B 213 -7.74 4.49 -31.14
N THR B 214 -6.74 4.84 -30.31
CA THR B 214 -5.46 4.14 -30.15
C THR B 214 -4.69 3.96 -31.45
N ARG B 215 -4.91 4.84 -32.42
CA ARG B 215 -4.07 4.91 -33.60
C ARG B 215 -2.88 5.82 -33.40
N LEU B 216 -2.82 6.50 -32.27
CA LEU B 216 -1.76 7.44 -31.97
C LEU B 216 -1.69 7.65 -30.46
N PHE B 217 -0.58 8.25 -30.01
CA PHE B 217 -0.38 8.52 -28.60
C PHE B 217 0.57 9.70 -28.46
N VAL B 218 0.64 10.23 -27.24
CA VAL B 218 1.57 11.32 -26.93
C VAL B 218 2.43 10.92 -25.75
N SER B 219 3.59 11.56 -25.66
CA SER B 219 4.57 11.26 -24.64
C SER B 219 5.28 12.54 -24.22
N GLY B 220 5.89 12.51 -23.03
CA GLY B 220 6.59 13.68 -22.56
C GLY B 220 7.90 13.41 -21.85
N ALA B 221 8.89 14.30 -22.03
CA ALA B 221 10.22 14.05 -21.52
C ALA B 221 10.82 15.28 -20.84
N CYS B 222 12.09 15.21 -20.44
CA CYS B 222 12.82 16.35 -19.88
C CYS B 222 13.22 17.39 -20.92
N ASP B 223 12.83 17.23 -22.17
CA ASP B 223 12.99 18.27 -23.17
C ASP B 223 12.01 19.42 -22.97
N ALA B 224 11.08 19.29 -22.03
CA ALA B 224 9.89 20.12 -21.89
C ALA B 224 9.09 20.12 -23.19
N SER B 225 9.00 18.94 -23.81
CA SER B 225 8.33 18.81 -25.08
C SER B 225 7.41 17.60 -25.04
N ALA B 226 6.29 17.72 -25.73
CA ALA B 226 5.38 16.61 -25.97
C ALA B 226 5.41 16.27 -27.44
N LYS B 227 5.48 14.98 -27.74
CA LYS B 227 5.58 14.52 -29.11
C LYS B 227 4.41 13.62 -29.44
N LEU B 228 3.95 13.70 -30.68
CA LEU B 228 2.74 13.00 -31.12
C LEU B 228 3.17 11.87 -32.04
N TRP B 229 3.05 10.63 -31.57
CA TRP B 229 3.51 9.46 -32.29
C TRP B 229 2.32 8.66 -32.82
N ASP B 230 2.47 8.08 -33.99
CA ASP B 230 1.47 7.19 -34.57
C ASP B 230 1.91 5.75 -34.42
N VAL B 231 1.01 4.90 -33.90
CA VAL B 231 1.37 3.50 -33.74
C VAL B 231 1.32 2.72 -35.04
N ARG B 232 0.60 3.22 -36.06
CA ARG B 232 0.45 2.49 -37.31
C ARG B 232 1.69 2.59 -38.18
N GLU B 233 2.29 3.77 -38.28
CA GLU B 233 3.49 3.99 -39.08
C GLU B 233 4.75 4.03 -38.22
N GLY B 234 4.79 4.92 -37.22
CA GLY B 234 5.88 4.89 -36.26
C GLY B 234 6.80 6.09 -36.20
N MET B 235 6.38 7.24 -36.71
CA MET B 235 7.17 8.45 -36.57
C MET B 235 6.40 9.51 -35.79
N CYS B 236 7.09 10.61 -35.51
CA CYS B 236 6.53 11.74 -34.81
C CYS B 236 6.01 12.75 -35.82
N ARG B 237 4.71 13.04 -35.77
CA ARG B 237 4.19 14.05 -36.69
C ARG B 237 4.15 15.44 -36.08
N GLN B 238 4.00 15.54 -34.76
CA GLN B 238 3.87 16.85 -34.13
C GLN B 238 4.65 16.89 -32.82
N THR B 239 5.26 18.04 -32.57
CA THR B 239 6.03 18.30 -31.35
C THR B 239 5.49 19.57 -30.71
N PHE B 240 5.20 19.51 -29.40
CA PHE B 240 4.58 20.60 -28.68
C PHE B 240 5.51 21.09 -27.59
N THR B 241 5.73 22.40 -27.55
CA THR B 241 6.72 23.01 -26.68
C THR B 241 6.05 24.20 -25.98
N GLY B 242 6.52 24.52 -24.78
CA GLY B 242 5.93 25.59 -24.01
C GLY B 242 6.05 25.41 -22.51
N HIS B 243 6.53 24.24 -22.09
CA HIS B 243 6.90 24.05 -20.70
C HIS B 243 8.36 24.49 -20.50
N GLU B 244 8.72 24.70 -19.24
CA GLU B 244 10.09 25.05 -18.91
C GLU B 244 10.89 23.85 -18.44
N SER B 245 10.25 22.88 -17.79
CA SER B 245 10.96 21.72 -17.25
C SER B 245 10.28 20.42 -17.65
N ASP B 246 10.74 19.31 -17.06
CA ASP B 246 10.17 17.99 -17.31
C ASP B 246 8.69 17.93 -17.02
N ILE B 247 7.95 17.29 -17.92
CA ILE B 247 6.54 17.04 -17.68
C ILE B 247 6.39 15.62 -17.14
N ASN B 248 5.68 15.50 -16.03
CA ASN B 248 5.49 14.24 -15.35
C ASN B 248 4.23 13.53 -15.79
N ALA B 249 3.36 14.21 -16.53
CA ALA B 249 1.97 13.80 -16.66
C ALA B 249 1.45 14.18 -18.03
N ILE B 250 0.60 13.33 -18.60
CA ILE B 250 -0.04 13.61 -19.87
C ILE B 250 -1.32 12.80 -19.95
N CYS B 251 -2.34 13.36 -20.60
CA CYS B 251 -3.65 12.71 -20.74
C CYS B 251 -4.42 13.39 -21.86
N PHE B 252 -4.88 12.59 -22.83
CA PHE B 252 -5.77 13.14 -23.86
C PHE B 252 -7.11 13.62 -23.32
N PHE B 253 -7.61 14.66 -23.97
CA PHE B 253 -9.01 15.01 -23.95
C PHE B 253 -9.83 13.84 -24.50
N PRO B 254 -11.02 13.60 -23.96
CA PRO B 254 -11.83 12.45 -24.40
C PRO B 254 -12.30 12.51 -25.84
N ASN B 255 -12.27 13.67 -26.49
CA ASN B 255 -12.52 13.73 -27.93
C ASN B 255 -11.39 13.08 -28.72
N GLY B 256 -10.19 13.04 -28.15
CA GLY B 256 -9.01 12.59 -28.86
C GLY B 256 -8.35 13.65 -29.69
N ASN B 257 -8.65 14.92 -29.46
CA ASN B 257 -8.12 16.01 -30.25
C ASN B 257 -7.25 16.97 -29.43
N ALA B 258 -7.15 16.75 -28.13
CA ALA B 258 -6.38 17.63 -27.27
C ALA B 258 -5.80 16.80 -26.13
N PHE B 259 -4.83 17.38 -25.43
CA PHE B 259 -4.30 16.73 -24.24
C PHE B 259 -3.74 17.77 -23.29
N ALA B 260 -3.63 17.39 -22.03
CA ALA B 260 -3.08 18.24 -20.98
C ALA B 260 -1.80 17.64 -20.43
N THR B 261 -0.84 18.52 -20.12
CA THR B 261 0.49 18.09 -19.68
C THR B 261 0.82 18.74 -18.36
N GLY B 262 1.08 17.95 -17.33
CA GLY B 262 1.51 18.47 -16.04
C GLY B 262 3.02 18.36 -15.86
N SER B 263 3.64 19.44 -15.42
CA SER B 263 5.09 19.51 -15.30
C SER B 263 5.51 19.90 -13.89
N ASP B 264 6.81 20.15 -13.72
CA ASP B 264 7.35 20.65 -12.47
C ASP B 264 7.28 22.16 -12.37
N ASP B 265 6.71 22.83 -13.37
CA ASP B 265 6.64 24.27 -13.42
C ASP B 265 5.43 24.84 -12.71
N ALA B 266 4.67 23.97 -12.01
CA ALA B 266 3.35 24.29 -11.42
C ALA B 266 2.37 24.80 -12.47
N THR B 267 2.48 24.27 -13.70
CA THR B 267 1.63 24.66 -14.81
C THR B 267 1.16 23.42 -15.54
N CYS B 268 -0.14 23.16 -15.53
CA CYS B 268 -0.72 22.27 -16.52
C CYS B 268 -1.02 23.06 -17.79
N ARG B 269 -0.76 22.46 -18.94
CA ARG B 269 -0.94 23.12 -20.22
C ARG B 269 -1.69 22.22 -21.17
N LEU B 270 -2.65 22.78 -21.90
CA LEU B 270 -3.43 22.03 -22.87
C LEU B 270 -2.97 22.38 -24.28
N PHE B 271 -2.90 21.35 -25.12
CA PHE B 271 -2.40 21.46 -26.49
C PHE B 271 -3.44 20.88 -27.43
N ASP B 272 -3.64 21.50 -28.60
CA ASP B 272 -4.45 20.87 -29.64
C ASP B 272 -3.59 20.06 -30.60
N LEU B 273 -4.14 18.94 -31.05
CA LEU B 273 -3.54 18.24 -32.18
C LEU B 273 -3.77 19.01 -33.48
N ARG B 274 -5.03 19.32 -33.79
CA ARG B 274 -5.35 19.76 -35.13
C ARG B 274 -5.03 21.25 -35.31
N ALA B 275 -4.96 21.99 -34.22
CA ALA B 275 -4.53 23.39 -34.28
C ALA B 275 -3.05 23.55 -33.96
N ASP B 276 -2.41 22.52 -33.41
CA ASP B 276 -0.95 22.38 -33.30
C ASP B 276 -0.28 23.45 -32.43
N GLN B 277 -0.91 23.87 -31.34
CA GLN B 277 -0.23 24.76 -30.42
C GLN B 277 -0.81 24.61 -29.03
N GLU B 278 -0.11 25.22 -28.07
CA GLU B 278 -0.62 25.35 -26.72
C GLU B 278 -1.83 26.28 -26.70
N LEU B 279 -2.88 25.87 -26.01
CA LEU B 279 -4.05 26.71 -25.88
C LEU B 279 -4.05 27.54 -24.62
N MET B 280 -3.58 26.99 -23.51
CA MET B 280 -4.02 27.50 -22.23
C MET B 280 -3.12 26.94 -21.14
N THR B 281 -3.01 27.68 -20.04
CA THR B 281 -2.16 27.31 -18.93
C THR B 281 -2.98 27.29 -17.65
N TYR B 282 -2.89 26.19 -16.90
CA TYR B 282 -3.63 26.03 -15.65
C TYR B 282 -2.65 26.25 -14.50
N SER B 283 -2.46 27.52 -14.16
CA SER B 283 -1.48 27.91 -13.16
C SER B 283 -2.12 28.80 -12.12
N HIS B 284 -1.61 28.71 -10.90
CA HIS B 284 -1.95 29.61 -9.82
C HIS B 284 -0.66 30.17 -9.23
N ASP B 285 -0.77 31.31 -8.58
CA ASP B 285 0.39 31.86 -7.87
C ASP B 285 0.68 31.08 -6.60
N ASN B 286 -0.35 30.53 -5.97
CA ASN B 286 -0.21 29.81 -4.73
C ASN B 286 0.24 28.37 -4.91
N ILE B 287 0.37 27.90 -6.14
CA ILE B 287 0.97 26.61 -6.43
C ILE B 287 2.37 26.86 -6.97
N ILE B 288 3.35 26.17 -6.38
CA ILE B 288 4.74 26.30 -6.80
C ILE B 288 5.38 24.93 -7.02
N CYS B 289 4.80 23.87 -6.46
CA CYS B 289 5.29 22.53 -6.60
C CYS B 289 4.85 21.93 -7.94
N GLY B 290 5.42 20.77 -8.25
CA GLY B 290 5.16 20.17 -9.55
C GLY B 290 3.88 19.35 -9.60
N ILE B 291 3.43 19.09 -10.82
CA ILE B 291 2.27 18.23 -11.08
C ILE B 291 2.81 16.84 -11.35
N THR B 292 2.28 15.84 -10.65
CA THR B 292 2.72 14.48 -10.92
C THR B 292 1.78 13.76 -11.88
N SER B 293 0.48 13.96 -11.74
CA SER B 293 -0.49 13.27 -12.58
C SER B 293 -1.52 14.27 -13.07
N VAL B 294 -2.02 14.03 -14.29
CA VAL B 294 -3.19 14.73 -14.78
C VAL B 294 -4.16 13.69 -15.34
N SER B 295 -5.43 14.07 -15.36
CA SER B 295 -6.49 13.31 -15.99
C SER B 295 -7.61 14.28 -16.29
N PHE B 296 -8.52 13.86 -17.15
CA PHE B 296 -9.66 14.69 -17.49
C PHE B 296 -10.88 14.13 -16.77
N SER B 297 -12.06 14.63 -17.10
CA SER B 297 -13.30 13.96 -16.73
C SER B 297 -13.83 13.24 -17.96
N LYS B 298 -15.07 12.75 -17.87
CA LYS B 298 -15.69 12.11 -19.03
C LYS B 298 -15.92 13.10 -20.17
N SER B 299 -16.32 14.33 -19.86
CA SER B 299 -16.54 15.33 -20.88
C SER B 299 -15.34 16.24 -21.09
N GLY B 300 -14.40 16.24 -20.17
CA GLY B 300 -13.23 17.10 -20.29
C GLY B 300 -13.46 18.54 -19.91
N ARG B 301 -14.60 18.86 -19.29
CA ARG B 301 -14.82 20.21 -18.79
C ARG B 301 -13.84 20.55 -17.68
N LEU B 302 -13.51 19.57 -16.86
CA LEU B 302 -12.57 19.79 -15.78
C LEU B 302 -11.48 18.73 -15.83
N LEU B 303 -10.24 19.16 -15.54
CA LEU B 303 -9.11 18.26 -15.46
C LEU B 303 -8.59 18.25 -14.03
N LEU B 304 -8.32 17.05 -13.51
CA LEU B 304 -7.75 16.91 -12.19
C LEU B 304 -6.23 16.86 -12.30
N ALA B 305 -5.56 17.23 -11.22
CA ALA B 305 -4.10 17.31 -11.24
C ALA B 305 -3.55 17.09 -9.85
N GLY B 306 -2.70 16.08 -9.69
CA GLY B 306 -2.08 15.84 -8.41
C GLY B 306 -0.82 16.68 -8.24
N TYR B 307 -0.53 17.04 -7.01
CA TYR B 307 0.54 17.99 -6.74
C TYR B 307 1.46 17.44 -5.66
N ASP B 308 2.63 18.06 -5.54
CA ASP B 308 3.53 17.76 -4.42
C ASP B 308 3.13 18.47 -3.15
N ASP B 309 2.15 19.39 -3.22
CA ASP B 309 1.53 20.00 -2.06
C ASP B 309 0.49 19.10 -1.41
N PHE B 310 0.50 17.81 -1.75
CA PHE B 310 -0.19 16.66 -1.17
C PHE B 310 -1.64 16.60 -1.63
N ASN B 311 -2.11 17.55 -2.42
CA ASN B 311 -3.53 17.65 -2.74
C ASN B 311 -3.75 17.64 -4.24
N CYS B 312 -4.92 17.16 -4.64
CA CYS B 312 -5.34 17.25 -6.04
C CYS B 312 -6.10 18.54 -6.27
N ASN B 313 -5.78 19.21 -7.37
CA ASN B 313 -6.48 20.44 -7.74
C ASN B 313 -7.35 20.18 -8.95
N VAL B 314 -8.64 20.45 -8.80
CA VAL B 314 -9.59 20.36 -9.89
C VAL B 314 -9.67 21.70 -10.58
N TRP B 315 -9.28 21.73 -11.85
CA TRP B 315 -9.27 22.93 -12.67
C TRP B 315 -10.40 22.87 -13.66
N ASP B 316 -11.12 23.97 -13.80
CA ASP B 316 -12.00 24.11 -14.96
C ASP B 316 -11.13 24.20 -16.19
N ALA B 317 -11.24 23.19 -17.08
CA ALA B 317 -10.31 23.07 -18.20
C ALA B 317 -10.61 24.09 -19.28
N LEU B 318 -11.68 24.86 -19.13
CA LEU B 318 -12.08 25.86 -20.08
C LEU B 318 -12.00 27.28 -19.53
N LYS B 319 -12.16 27.47 -18.22
CA LYS B 319 -12.19 28.81 -17.64
C LYS B 319 -11.02 29.09 -16.71
N ALA B 320 -10.04 28.18 -16.62
CA ALA B 320 -8.77 28.33 -15.91
C ALA B 320 -8.94 28.53 -14.41
N ASP B 321 -10.09 28.19 -13.85
CA ASP B 321 -10.38 28.43 -12.46
C ASP B 321 -10.26 27.14 -11.67
N ARG B 322 -9.79 27.24 -10.44
CA ARG B 322 -9.63 26.08 -9.57
C ARG B 322 -11.01 25.69 -9.04
N ALA B 323 -11.61 24.67 -9.64
CA ALA B 323 -12.97 24.29 -9.30
C ALA B 323 -13.07 23.45 -8.04
N GLY B 324 -11.96 22.99 -7.49
CA GLY B 324 -12.01 22.16 -6.30
C GLY B 324 -10.63 21.77 -5.81
N VAL B 325 -10.54 21.38 -4.55
CA VAL B 325 -9.29 20.96 -3.94
C VAL B 325 -9.57 19.68 -3.17
N LEU B 326 -8.81 18.64 -3.46
CA LEU B 326 -8.97 17.32 -2.87
C LEU B 326 -7.76 17.10 -1.97
N ALA B 327 -7.89 17.46 -0.70
CA ALA B 327 -6.75 17.62 0.20
C ALA B 327 -6.59 16.45 1.17
N GLY B 328 -7.00 15.25 0.78
CA GLY B 328 -7.00 14.16 1.74
C GLY B 328 -5.67 13.51 2.04
N HIS B 329 -4.66 13.70 1.21
CA HIS B 329 -3.46 12.88 1.28
C HIS B 329 -2.39 13.53 2.16
N ASP B 330 -1.64 12.69 2.86
CA ASP B 330 -0.58 13.14 3.76
C ASP B 330 0.78 13.25 3.09
N ASN B 331 0.88 12.88 1.83
CA ASN B 331 2.14 12.95 1.10
C ASN B 331 1.83 13.24 -0.35
N ARG B 332 2.87 13.19 -1.19
CA ARG B 332 2.81 13.61 -2.58
C ARG B 332 1.85 12.74 -3.38
N VAL B 333 0.89 13.37 -4.04
CA VAL B 333 -0.07 12.67 -4.90
C VAL B 333 0.67 12.27 -6.17
N SER B 334 0.98 10.99 -6.29
CA SER B 334 1.78 10.51 -7.41
C SER B 334 0.95 10.04 -8.58
N CYS B 335 -0.22 9.46 -8.33
CA CYS B 335 -1.04 8.89 -9.38
C CYS B 335 -2.50 9.21 -9.13
N LEU B 336 -3.20 9.55 -10.20
CA LEU B 336 -4.65 9.64 -10.15
C LEU B 336 -5.23 9.25 -11.49
N GLY B 337 -6.48 8.84 -11.47
CA GLY B 337 -7.15 8.40 -12.68
C GLY B 337 -8.65 8.45 -12.49
N VAL B 338 -9.34 8.66 -13.60
CA VAL B 338 -10.79 8.81 -13.63
C VAL B 338 -11.35 7.66 -14.45
N THR B 339 -12.43 7.05 -13.96
CA THR B 339 -13.00 5.85 -14.55
C THR B 339 -13.56 6.13 -15.94
N ASP B 340 -13.77 5.04 -16.70
CA ASP B 340 -14.42 5.18 -18.00
C ASP B 340 -15.90 5.48 -17.85
N ASP B 341 -16.52 5.08 -16.74
CA ASP B 341 -17.88 5.51 -16.44
C ASP B 341 -17.90 6.98 -16.06
N GLY B 342 -16.77 7.52 -15.64
CA GLY B 342 -16.74 8.85 -15.09
C GLY B 342 -17.33 8.98 -13.72
N MET B 343 -17.56 7.86 -13.02
CA MET B 343 -18.21 7.95 -11.72
C MET B 343 -17.29 8.57 -10.66
N ALA B 344 -16.06 8.10 -10.56
CA ALA B 344 -15.22 8.50 -9.44
C ALA B 344 -13.78 8.67 -9.89
N VAL B 345 -13.04 9.41 -9.07
CA VAL B 345 -11.61 9.66 -9.25
C VAL B 345 -10.89 8.98 -8.11
N ALA B 346 -9.99 8.05 -8.43
CA ALA B 346 -9.07 7.51 -7.44
C ALA B 346 -7.78 8.29 -7.52
N THR B 347 -7.24 8.68 -6.38
CA THR B 347 -5.93 9.29 -6.29
C THR B 347 -5.07 8.47 -5.36
N GLY B 348 -3.87 8.10 -5.82
CA GLY B 348 -2.90 7.44 -4.99
C GLY B 348 -1.77 8.41 -4.66
N SER B 349 -1.02 8.06 -3.63
CA SER B 349 -0.05 8.99 -3.08
C SER B 349 1.01 8.23 -2.31
N TRP B 350 2.02 8.97 -1.84
CA TRP B 350 3.19 8.38 -1.20
C TRP B 350 2.98 8.08 0.27
N ASP B 351 1.82 8.37 0.84
CA ASP B 351 1.49 7.91 2.18
C ASP B 351 0.74 6.59 2.17
N SER B 352 0.82 5.85 1.06
CA SER B 352 0.37 4.47 0.92
C SER B 352 -1.14 4.31 0.99
N PHE B 353 -1.90 5.28 0.49
CA PHE B 353 -3.36 5.17 0.45
C PHE B 353 -3.91 5.62 -0.89
N LEU B 354 -4.92 4.91 -1.36
CA LEU B 354 -5.74 5.34 -2.48
C LEU B 354 -7.04 5.92 -1.92
N LYS B 355 -7.32 7.17 -2.26
CA LYS B 355 -8.62 7.74 -1.92
C LYS B 355 -9.45 7.90 -3.17
N ILE B 356 -10.73 7.60 -3.05
CA ILE B 356 -11.66 7.57 -4.18
C ILE B 356 -12.70 8.65 -3.96
N TRP B 357 -12.76 9.58 -4.89
CA TRP B 357 -13.47 10.84 -4.69
C TRP B 357 -14.64 10.93 -5.65
N ASN B 358 -15.70 11.58 -5.20
CA ASN B 358 -16.92 11.68 -5.98
C ASN B 358 -17.72 12.89 -5.49
N ALA C 3 28.09 10.34 -36.68
CA ALA C 3 28.42 11.74 -36.44
C ALA C 3 27.15 12.55 -36.20
N SER C 4 27.31 13.84 -35.91
CA SER C 4 26.18 14.73 -35.67
C SER C 4 25.58 15.27 -36.96
N ILE C 5 26.27 15.15 -38.09
CA ILE C 5 25.72 15.64 -39.35
C ILE C 5 24.56 14.77 -39.85
N ALA C 6 24.61 13.44 -39.69
CA ALA C 6 23.49 12.61 -40.08
C ALA C 6 22.31 12.75 -39.14
N GLN C 7 22.58 12.95 -37.84
CA GLN C 7 21.52 13.23 -36.88
C GLN C 7 20.86 14.57 -37.17
N ALA C 8 21.64 15.58 -37.54
CA ALA C 8 21.05 16.86 -37.94
C ALA C 8 20.31 16.75 -39.26
N ARG C 9 20.76 15.86 -40.16
CA ARG C 9 20.06 15.64 -41.43
C ARG C 9 18.69 15.02 -41.20
N LYS C 10 18.62 13.98 -40.38
CA LYS C 10 17.32 13.38 -40.08
C LYS C 10 16.46 14.30 -39.21
N LEU C 11 17.08 15.17 -38.39
CA LEU C 11 16.30 16.14 -37.63
C LEU C 11 15.69 17.20 -38.55
N VAL C 12 16.43 17.61 -39.58
CA VAL C 12 15.90 18.56 -40.55
C VAL C 12 14.80 17.91 -41.38
N GLU C 13 14.94 16.62 -41.72
CA GLU C 13 13.86 15.89 -42.37
C GLU C 13 12.63 15.77 -41.47
N GLN C 14 12.83 15.56 -40.16
CA GLN C 14 11.73 15.49 -39.21
C GLN C 14 11.01 16.84 -39.10
N LEU C 15 11.77 17.94 -39.05
CA LEU C 15 11.16 19.26 -39.01
C LEU C 15 10.48 19.62 -40.32
N LYS C 16 10.97 19.07 -41.44
CA LYS C 16 10.29 19.25 -42.72
C LYS C 16 8.97 18.51 -42.74
N MET C 17 8.92 17.33 -42.14
CA MET C 17 7.64 16.62 -42.02
C MET C 17 6.71 17.31 -41.03
N GLU C 18 7.25 17.97 -40.01
CA GLU C 18 6.40 18.70 -39.07
C GLU C 18 5.90 20.01 -39.66
N ALA C 19 6.63 20.60 -40.59
CA ALA C 19 6.29 21.93 -41.09
C ALA C 19 5.07 21.91 -42.00
N ASN C 20 4.85 20.83 -42.74
CA ASN C 20 3.69 20.75 -43.62
C ASN C 20 2.57 19.96 -42.95
N ILE C 21 1.94 20.63 -41.98
CA ILE C 21 0.70 20.18 -41.35
C ILE C 21 -0.37 21.22 -41.62
N ASP C 22 -1.50 20.78 -42.16
CA ASP C 22 -2.62 21.68 -42.47
C ASP C 22 -3.31 22.02 -41.16
N ARG C 23 -2.76 22.99 -40.44
CA ARG C 23 -3.30 23.40 -39.15
C ARG C 23 -4.61 24.15 -39.34
N ILE C 24 -5.51 23.99 -38.37
CA ILE C 24 -6.73 24.76 -38.34
C ILE C 24 -6.53 25.91 -37.37
N LYS C 25 -7.46 26.85 -37.39
CA LYS C 25 -7.37 28.01 -36.51
C LYS C 25 -7.73 27.61 -35.09
N VAL C 26 -7.22 28.41 -34.14
CA VAL C 26 -7.46 28.15 -32.72
C VAL C 26 -8.92 28.38 -32.36
N SER C 27 -9.61 29.27 -33.10
CA SER C 27 -11.02 29.52 -32.85
C SER C 27 -11.87 28.28 -33.12
N LYS C 28 -11.61 27.58 -34.22
CA LYS C 28 -12.42 26.44 -34.58
C LYS C 28 -12.17 25.25 -33.66
N ALA C 29 -10.92 25.02 -33.27
CA ALA C 29 -10.63 23.95 -32.32
C ALA C 29 -11.13 24.30 -30.93
N ALA C 30 -11.11 25.58 -30.57
CA ALA C 30 -11.73 26.04 -29.34
C ALA C 30 -13.23 25.77 -29.34
N ALA C 31 -13.90 26.04 -30.46
CA ALA C 31 -15.32 25.75 -30.58
C ALA C 31 -15.60 24.26 -30.60
N ASP C 32 -14.65 23.45 -31.08
CA ASP C 32 -14.80 22.01 -30.99
C ASP C 32 -14.73 21.54 -29.54
N LEU C 33 -13.83 22.15 -28.75
CA LEU C 33 -13.80 21.87 -27.31
C LEU C 33 -15.09 22.33 -26.63
N MET C 34 -15.62 23.49 -27.07
CA MET C 34 -16.92 23.97 -26.60
C MET C 34 -18.01 22.93 -26.87
N ALA C 35 -18.05 22.41 -28.10
CA ALA C 35 -19.09 21.47 -28.50
C ALA C 35 -18.98 20.15 -27.74
N TYR C 36 -17.75 19.65 -27.55
CA TYR C 36 -17.60 18.41 -26.79
C TYR C 36 -17.94 18.60 -25.33
N CYS C 37 -17.61 19.75 -24.74
CA CYS C 37 -17.94 19.93 -23.35
C CYS C 37 -19.38 20.34 -23.11
N GLU C 38 -20.11 20.79 -24.14
CA GLU C 38 -21.52 21.04 -23.94
C GLU C 38 -22.37 19.83 -24.27
N ALA C 39 -21.92 18.97 -25.18
CA ALA C 39 -22.73 17.82 -25.57
C ALA C 39 -22.69 16.72 -24.52
N HIS C 40 -21.60 16.62 -23.78
CA HIS C 40 -21.39 15.54 -22.82
C HIS C 40 -21.43 16.04 -21.38
N ALA C 41 -21.92 17.26 -21.14
CA ALA C 41 -22.04 17.77 -19.79
C ALA C 41 -23.13 17.07 -18.99
N LYS C 42 -24.07 16.41 -19.66
CA LYS C 42 -25.13 15.72 -18.95
C LYS C 42 -24.64 14.44 -18.30
N GLU C 43 -23.84 13.66 -19.03
CA GLU C 43 -23.34 12.37 -18.54
C GLU C 43 -21.98 12.47 -17.87
N ASP C 44 -21.66 13.61 -17.27
CA ASP C 44 -20.40 13.79 -16.58
C ASP C 44 -20.71 13.87 -15.09
N PRO C 45 -20.45 12.83 -14.31
CA PRO C 45 -20.77 12.88 -12.88
C PRO C 45 -19.75 13.62 -12.01
N LEU C 46 -18.89 14.41 -12.63
CA LEU C 46 -18.02 15.34 -11.92
C LEU C 46 -18.41 16.79 -12.13
N LEU C 47 -18.89 17.14 -13.31
CA LEU C 47 -19.45 18.47 -13.55
C LEU C 47 -20.71 18.68 -12.73
N THR C 48 -21.61 17.69 -12.76
CA THR C 48 -22.84 17.72 -11.98
C THR C 48 -22.80 16.59 -10.95
N PRO C 49 -22.84 16.89 -9.65
CA PRO C 49 -23.03 15.83 -8.66
C PRO C 49 -24.36 15.12 -8.85
N VAL C 50 -24.37 13.84 -8.49
CA VAL C 50 -25.48 12.94 -8.80
C VAL C 50 -26.07 12.40 -7.49
N PRO C 51 -27.34 12.00 -7.47
CA PRO C 51 -27.91 11.42 -6.24
C PRO C 51 -27.34 10.04 -5.94
N ALA C 52 -27.63 9.59 -4.72
CA ALA C 52 -27.06 8.35 -4.20
C ALA C 52 -27.66 7.09 -4.80
N SER C 53 -28.74 7.21 -5.59
CA SER C 53 -29.28 6.04 -6.26
C SER C 53 -28.38 5.57 -7.40
N GLU C 54 -27.87 6.51 -8.19
CA GLU C 54 -27.00 6.19 -9.32
C GLU C 54 -25.52 6.32 -8.98
N ASN C 55 -25.18 6.44 -7.70
CA ASN C 55 -23.79 6.55 -7.26
C ASN C 55 -23.37 5.22 -6.63
N PRO C 56 -22.46 4.46 -7.24
CA PRO C 56 -22.05 3.18 -6.65
C PRO C 56 -20.99 3.33 -5.55
N PHE C 57 -20.55 4.54 -5.28
CA PHE C 57 -19.55 4.77 -4.24
C PHE C 57 -20.18 5.40 -3.00
N VAL D 39 -5.45 -28.20 -15.06
CA VAL D 39 -5.44 -28.59 -13.66
C VAL D 39 -6.10 -29.95 -13.51
N GLN D 40 -5.99 -30.54 -12.33
CA GLN D 40 -6.44 -31.91 -12.14
C GLN D 40 -6.70 -32.17 -10.66
N LEU D 41 -7.78 -32.89 -10.40
CA LEU D 41 -8.13 -33.36 -9.07
C LEU D 41 -8.45 -34.84 -9.12
N VAL D 42 -7.79 -35.60 -8.26
CA VAL D 42 -7.99 -37.05 -8.18
C VAL D 42 -8.46 -37.38 -6.77
N GLU D 43 -9.38 -38.32 -6.66
CA GLU D 43 -10.05 -38.63 -5.41
C GLU D 43 -9.94 -40.12 -5.13
N SER D 44 -10.03 -40.49 -3.86
CA SER D 44 -10.06 -41.88 -3.44
C SER D 44 -10.77 -41.99 -2.10
N GLY D 45 -11.24 -43.19 -1.80
CA GLY D 45 -11.94 -43.45 -0.57
C GLY D 45 -13.31 -44.10 -0.68
N GLY D 46 -13.61 -44.74 -1.81
CA GLY D 46 -14.91 -45.38 -1.97
C GLY D 46 -14.98 -46.75 -1.32
N GLY D 47 -15.56 -47.71 -2.03
CA GLY D 47 -15.61 -49.08 -1.55
C GLY D 47 -16.75 -49.32 -0.58
N LEU D 48 -16.90 -50.59 -0.20
CA LEU D 48 -18.01 -51.01 0.64
C LEU D 48 -17.71 -50.68 2.10
N VAL D 49 -18.54 -49.85 2.70
CA VAL D 49 -18.42 -49.44 4.10
C VAL D 49 -19.69 -49.87 4.82
N GLN D 50 -19.52 -50.46 6.00
CA GLN D 50 -20.67 -50.83 6.81
C GLN D 50 -21.37 -49.58 7.35
N PRO D 51 -22.70 -49.59 7.44
CA PRO D 51 -23.40 -48.45 8.03
C PRO D 51 -23.11 -48.34 9.52
N GLY D 52 -23.08 -47.10 10.00
CA GLY D 52 -22.67 -46.80 11.35
C GLY D 52 -21.18 -46.69 11.55
N GLY D 53 -20.39 -46.96 10.51
CA GLY D 53 -18.95 -46.91 10.58
C GLY D 53 -18.41 -45.55 10.19
N SER D 54 -17.10 -45.54 9.90
CA SER D 54 -16.41 -44.32 9.55
C SER D 54 -15.63 -44.56 8.26
N ARG D 55 -15.45 -43.48 7.50
CA ARG D 55 -14.69 -43.55 6.25
C ARG D 55 -14.09 -42.18 5.98
N LYS D 56 -12.87 -42.20 5.44
CA LYS D 56 -12.17 -40.99 5.06
C LYS D 56 -11.91 -41.01 3.57
N LEU D 57 -12.37 -39.98 2.88
CA LEU D 57 -12.06 -39.76 1.48
C LEU D 57 -11.03 -38.66 1.37
N SER D 58 -10.25 -38.70 0.30
CA SER D 58 -9.13 -37.80 0.11
C SER D 58 -9.11 -37.34 -1.33
N CYS D 59 -8.93 -36.04 -1.53
CA CYS D 59 -8.74 -35.46 -2.86
C CYS D 59 -7.50 -34.60 -2.84
N SER D 60 -6.58 -34.88 -3.77
CA SER D 60 -5.29 -34.19 -3.82
C SER D 60 -5.26 -33.31 -5.06
N ALA D 61 -4.80 -32.07 -4.87
CA ALA D 61 -4.70 -31.14 -5.98
C ALA D 61 -3.45 -31.42 -6.81
N SER D 62 -3.47 -30.92 -8.04
CA SER D 62 -2.33 -31.06 -8.93
C SER D 62 -2.38 -29.98 -9.98
N GLY D 63 -1.50 -28.99 -9.86
CA GLY D 63 -1.36 -28.01 -10.91
C GLY D 63 -2.16 -26.74 -10.74
N PHE D 64 -2.64 -26.46 -9.53
CA PHE D 64 -3.23 -25.16 -9.25
C PHE D 64 -2.93 -24.79 -7.81
N ALA D 65 -2.99 -23.48 -7.53
CA ALA D 65 -2.62 -22.92 -6.23
C ALA D 65 -3.70 -23.25 -5.22
N PHE D 66 -3.64 -24.48 -4.69
CA PHE D 66 -4.73 -25.07 -3.90
C PHE D 66 -4.99 -24.29 -2.62
N SER D 67 -4.00 -23.56 -2.10
CA SER D 67 -4.22 -22.77 -0.91
C SER D 67 -5.13 -21.58 -1.18
N SER D 68 -5.19 -21.15 -2.44
CA SER D 68 -5.98 -19.96 -2.77
C SER D 68 -7.42 -20.27 -3.15
N PHE D 69 -7.84 -21.53 -3.09
CA PHE D 69 -9.16 -21.93 -3.55
C PHE D 69 -10.03 -22.42 -2.40
N GLY D 70 -11.23 -21.90 -2.31
CA GLY D 70 -12.23 -22.52 -1.46
C GLY D 70 -12.79 -23.76 -2.12
N MET D 71 -12.68 -24.89 -1.44
CA MET D 71 -13.00 -26.18 -2.01
C MET D 71 -14.29 -26.72 -1.40
N HIS D 72 -15.03 -27.48 -2.19
CA HIS D 72 -16.32 -28.02 -1.78
C HIS D 72 -16.30 -29.54 -1.85
N TRP D 73 -17.39 -30.15 -1.41
CA TRP D 73 -17.71 -31.53 -1.72
C TRP D 73 -19.16 -31.60 -2.14
N VAL D 74 -19.42 -32.22 -3.28
CA VAL D 74 -20.76 -32.45 -3.78
C VAL D 74 -20.89 -33.94 -4.06
N ARG D 75 -21.94 -34.56 -3.54
CA ARG D 75 -22.15 -35.97 -3.86
C ARG D 75 -23.21 -36.10 -4.93
N GLN D 76 -23.47 -37.35 -5.32
CA GLN D 76 -24.54 -37.65 -6.27
C GLN D 76 -24.97 -39.09 -6.04
N ALA D 77 -26.21 -39.29 -5.64
CA ALA D 77 -26.78 -40.63 -5.53
C ALA D 77 -26.87 -41.26 -6.92
N PRO D 78 -26.78 -42.60 -7.02
CA PRO D 78 -26.72 -43.22 -8.35
C PRO D 78 -27.99 -43.10 -9.20
N GLU D 79 -29.11 -42.65 -8.65
CA GLU D 79 -30.31 -42.39 -9.44
C GLU D 79 -30.93 -41.04 -9.08
N LYS D 80 -30.09 -40.06 -8.75
CA LYS D 80 -30.56 -38.78 -8.25
C LYS D 80 -29.47 -37.77 -8.58
N GLY D 81 -29.86 -36.51 -8.73
CA GLY D 81 -28.93 -35.47 -9.10
C GLY D 81 -27.97 -35.09 -7.98
N LEU D 82 -27.33 -33.94 -8.17
CA LEU D 82 -26.26 -33.54 -7.26
C LEU D 82 -26.83 -32.94 -5.98
N GLU D 83 -26.05 -33.07 -4.91
CA GLU D 83 -26.43 -32.56 -3.60
C GLU D 83 -25.17 -32.12 -2.88
N TRP D 84 -25.09 -30.83 -2.55
CA TRP D 84 -23.89 -30.26 -1.94
C TRP D 84 -23.73 -30.75 -0.51
N VAL D 85 -22.47 -30.94 -0.09
CA VAL D 85 -22.18 -31.54 1.21
C VAL D 85 -21.49 -30.56 2.14
N ALA D 86 -20.30 -30.10 1.75
CA ALA D 86 -19.48 -29.31 2.66
C ALA D 86 -18.74 -28.26 1.86
N TYR D 87 -18.08 -27.36 2.58
CA TYR D 87 -17.23 -26.33 1.98
C TYR D 87 -16.28 -25.85 3.05
N ILE D 88 -14.98 -26.08 2.86
CA ILE D 88 -13.97 -25.42 3.66
C ILE D 88 -13.35 -24.34 2.79
N SER D 89 -13.20 -23.14 3.34
CA SER D 89 -12.79 -22.02 2.52
C SER D 89 -11.30 -22.09 2.24
N SER D 90 -10.80 -21.07 1.56
CA SER D 90 -9.37 -20.91 1.44
C SER D 90 -8.82 -20.36 2.74
N GLY D 91 -7.71 -20.92 3.21
CA GLY D 91 -7.19 -20.58 4.52
C GLY D 91 -7.86 -21.28 5.67
N SER D 92 -8.86 -22.12 5.39
CA SER D 92 -9.62 -22.92 6.38
C SER D 92 -10.31 -22.05 7.42
N GLY D 93 -10.61 -20.79 7.08
CA GLY D 93 -11.23 -19.91 8.04
C GLY D 93 -12.72 -20.11 8.22
N THR D 94 -13.38 -20.65 7.21
CA THR D 94 -14.84 -20.72 7.19
C THR D 94 -15.26 -22.08 6.69
N ILE D 95 -16.12 -22.76 7.45
CA ILE D 95 -16.59 -24.10 7.13
C ILE D 95 -18.10 -24.13 7.23
N TYR D 96 -18.77 -24.64 6.20
CA TYR D 96 -20.20 -24.91 6.25
C TYR D 96 -20.46 -26.38 5.98
N TYR D 97 -21.69 -26.81 6.24
CA TYR D 97 -22.10 -28.18 5.93
C TYR D 97 -23.58 -28.17 5.54
N ALA D 98 -23.99 -29.23 4.88
CA ALA D 98 -25.41 -29.50 4.71
C ALA D 98 -26.00 -29.94 6.03
N ASP D 99 -27.33 -29.81 6.15
CA ASP D 99 -27.98 -30.16 7.41
C ASP D 99 -28.03 -31.67 7.60
N THR D 100 -27.93 -32.44 6.50
CA THR D 100 -28.00 -33.88 6.61
C THR D 100 -26.64 -34.49 6.94
N VAL D 101 -25.59 -33.67 6.94
CA VAL D 101 -24.26 -34.15 7.31
C VAL D 101 -23.69 -33.42 8.51
N LYS D 102 -24.42 -32.47 9.09
CA LYS D 102 -23.90 -31.64 10.17
C LYS D 102 -23.67 -32.45 11.44
N GLY D 103 -22.41 -32.53 11.86
CA GLY D 103 -22.02 -33.32 13.00
C GLY D 103 -21.46 -34.68 12.67
N ARG D 104 -21.83 -35.27 11.53
CA ARG D 104 -21.33 -36.57 11.12
C ARG D 104 -20.15 -36.49 10.17
N PHE D 105 -20.00 -35.38 9.46
CA PHE D 105 -18.98 -35.22 8.44
C PHE D 105 -18.02 -34.15 8.92
N THR D 106 -16.73 -34.33 8.64
CA THR D 106 -15.73 -33.32 8.95
C THR D 106 -14.86 -33.07 7.73
N ILE D 107 -14.86 -31.83 7.26
CA ILE D 107 -14.02 -31.39 6.15
C ILE D 107 -12.84 -30.63 6.71
N SER D 108 -11.66 -30.91 6.17
CA SER D 108 -10.44 -30.20 6.48
C SER D 108 -9.48 -30.37 5.32
N ARG D 109 -8.62 -29.37 5.13
CA ARG D 109 -7.67 -29.40 4.05
C ARG D 109 -6.26 -29.41 4.59
N ASP D 110 -5.29 -29.44 3.69
CA ASP D 110 -3.89 -29.41 4.08
C ASP D 110 -3.15 -28.60 3.02
N ASP D 111 -2.73 -27.39 3.40
CA ASP D 111 -2.07 -26.50 2.43
C ASP D 111 -0.74 -26.98 1.86
N PRO D 112 0.23 -27.52 2.64
CA PRO D 112 1.47 -27.96 1.97
C PRO D 112 1.31 -29.22 1.15
N LYS D 113 0.59 -30.22 1.65
CA LYS D 113 0.42 -31.46 0.90
C LYS D 113 -0.55 -31.33 -0.28
N ASN D 114 -1.29 -30.22 -0.35
CA ASN D 114 -2.24 -29.91 -1.42
C ASN D 114 -3.31 -30.99 -1.55
N THR D 115 -3.97 -31.25 -0.43
CA THR D 115 -4.88 -32.39 -0.33
C THR D 115 -6.08 -32.02 0.51
N LEU D 116 -7.27 -32.15 -0.08
CA LEU D 116 -8.53 -32.00 0.64
C LEU D 116 -9.05 -33.37 1.03
N PHE D 117 -9.38 -33.54 2.31
CA PHE D 117 -9.93 -34.79 2.78
C PHE D 117 -11.15 -34.58 3.67
N LEU D 118 -12.07 -35.52 3.57
CA LEU D 118 -13.35 -35.46 4.28
C LEU D 118 -13.46 -36.66 5.20
N GLN D 119 -13.78 -36.40 6.47
CA GLN D 119 -13.85 -37.43 7.50
C GLN D 119 -15.31 -37.66 7.85
N MET D 120 -15.79 -38.88 7.61
CA MET D 120 -17.14 -39.25 7.96
C MET D 120 -17.18 -40.24 9.11
N THR D 121 -18.33 -40.31 9.77
CA THR D 121 -18.62 -41.32 10.78
C THR D 121 -20.13 -41.54 10.83
N SER D 122 -20.51 -42.72 11.34
CA SER D 122 -21.89 -43.15 11.56
C SER D 122 -22.72 -43.10 10.27
N LEU D 123 -22.19 -43.69 9.21
CA LEU D 123 -22.77 -43.57 7.89
C LEU D 123 -24.03 -44.41 7.75
N ARG D 124 -24.79 -44.12 6.69
CA ARG D 124 -26.05 -44.78 6.42
C ARG D 124 -26.25 -44.84 4.92
N SER D 125 -27.33 -45.50 4.49
CA SER D 125 -27.58 -45.74 3.09
C SER D 125 -27.95 -44.47 2.32
N GLU D 126 -28.31 -43.39 3.00
CA GLU D 126 -28.50 -42.11 2.33
C GLU D 126 -27.18 -41.45 1.93
N ASP D 127 -26.06 -41.94 2.45
CA ASP D 127 -24.75 -41.47 2.05
C ASP D 127 -24.15 -42.31 0.92
N THR D 128 -24.87 -43.30 0.42
CA THR D 128 -24.43 -44.11 -0.72
C THR D 128 -24.48 -43.25 -1.97
N ALA D 129 -23.35 -42.69 -2.36
CA ALA D 129 -23.34 -41.70 -3.42
C ALA D 129 -22.02 -41.79 -4.16
N MET D 130 -21.71 -40.76 -4.94
CA MET D 130 -20.41 -40.62 -5.59
C MET D 130 -19.96 -39.20 -5.30
N TYR D 131 -18.90 -39.06 -4.52
CA TYR D 131 -18.53 -37.76 -3.96
C TYR D 131 -17.59 -37.04 -4.90
N TYR D 132 -18.00 -35.88 -5.40
CA TYR D 132 -17.16 -35.04 -6.23
C TYR D 132 -16.58 -33.93 -5.39
N CYS D 133 -15.33 -33.60 -5.63
CA CYS D 133 -14.66 -32.53 -4.91
C CYS D 133 -14.44 -31.39 -5.89
N VAL D 134 -14.92 -30.20 -5.53
CA VAL D 134 -15.02 -29.11 -6.47
C VAL D 134 -14.11 -27.97 -6.04
N ARG D 135 -13.31 -27.50 -6.98
CA ARG D 135 -12.55 -26.27 -6.83
C ARG D 135 -13.47 -25.07 -6.97
N SER D 136 -13.21 -24.01 -6.21
CA SER D 136 -13.91 -22.75 -6.43
C SER D 136 -13.05 -21.60 -5.93
N ILE D 137 -13.32 -20.40 -6.43
CA ILE D 137 -12.62 -19.20 -5.97
C ILE D 137 -13.58 -18.03 -6.02
N TYR D 138 -13.40 -17.07 -5.10
CA TYR D 138 -14.40 -16.01 -4.91
C TYR D 138 -13.71 -14.66 -4.78
N TYR D 139 -13.58 -13.98 -5.90
CA TYR D 139 -13.28 -12.55 -5.94
C TYR D 139 -14.18 -11.97 -7.02
N TYR D 140 -14.08 -10.69 -7.31
CA TYR D 140 -14.93 -10.13 -8.35
C TYR D 140 -14.39 -10.54 -9.71
N GLY D 141 -15.23 -11.18 -10.50
CA GLY D 141 -14.82 -11.71 -11.78
C GLY D 141 -14.42 -13.17 -11.74
N SER D 142 -14.53 -13.81 -10.58
CA SER D 142 -14.15 -15.19 -10.46
C SER D 142 -15.18 -16.09 -11.11
N SER D 143 -14.79 -17.34 -11.32
CA SER D 143 -15.70 -18.38 -11.81
C SER D 143 -15.64 -19.54 -10.83
N PRO D 144 -16.44 -19.51 -9.76
CA PRO D 144 -16.49 -20.66 -8.85
C PRO D 144 -17.08 -21.88 -9.52
N PHE D 145 -16.73 -23.04 -8.95
CA PHE D 145 -17.18 -24.37 -9.38
C PHE D 145 -16.74 -24.70 -10.79
N ASP D 146 -15.60 -24.12 -11.21
CA ASP D 146 -15.17 -24.29 -12.58
C ASP D 146 -14.53 -25.65 -12.85
N PHE D 147 -13.92 -26.26 -11.84
CA PHE D 147 -13.30 -27.57 -12.01
C PHE D 147 -13.81 -28.55 -10.97
N TRP D 148 -14.09 -29.77 -11.41
CA TRP D 148 -14.61 -30.82 -10.54
C TRP D 148 -13.66 -32.02 -10.62
N GLY D 149 -13.57 -32.74 -9.51
CA GLY D 149 -12.85 -33.99 -9.51
C GLY D 149 -13.59 -35.07 -10.27
N GLN D 150 -12.91 -36.19 -10.50
CA GLN D 150 -13.43 -37.21 -11.39
C GLN D 150 -14.49 -38.09 -10.76
N GLY D 151 -14.65 -38.04 -9.44
CA GLY D 151 -15.73 -38.73 -8.77
C GLY D 151 -15.40 -40.17 -8.43
N THR D 152 -15.65 -40.52 -7.16
CA THR D 152 -15.47 -41.88 -6.67
C THR D 152 -16.76 -42.40 -6.07
N THR D 153 -17.19 -43.57 -6.54
CA THR D 153 -18.41 -44.21 -6.07
C THR D 153 -18.20 -44.72 -4.65
N LEU D 154 -19.13 -44.38 -3.76
CA LEU D 154 -19.13 -44.83 -2.38
C LEU D 154 -20.38 -45.66 -2.15
N THR D 155 -20.23 -46.82 -1.54
CA THR D 155 -21.35 -47.72 -1.28
C THR D 155 -21.42 -48.01 0.21
N VAL D 156 -22.59 -47.77 0.81
CA VAL D 156 -22.86 -48.12 2.19
C VAL D 156 -23.90 -49.23 2.20
N SER D 157 -23.54 -50.39 2.72
CA SER D 157 -24.45 -51.53 2.76
C SER D 157 -25.57 -51.33 3.77
N ASP D 175 -33.86 -22.58 2.98
CA ASP D 175 -33.29 -23.48 1.98
C ASP D 175 -33.94 -23.16 0.66
N ILE D 176 -33.18 -22.54 -0.25
CA ILE D 176 -33.71 -22.18 -1.56
C ILE D 176 -33.79 -23.44 -2.40
N VAL D 177 -35.00 -23.96 -2.58
CA VAL D 177 -35.18 -25.17 -3.38
C VAL D 177 -35.21 -24.79 -4.86
N MET D 178 -34.40 -25.46 -5.65
CA MET D 178 -34.37 -25.26 -7.09
C MET D 178 -35.19 -26.35 -7.76
N THR D 179 -35.99 -25.96 -8.75
CA THR D 179 -36.93 -26.86 -9.40
C THR D 179 -36.69 -26.83 -10.89
N GLN D 180 -36.31 -27.97 -11.45
CA GLN D 180 -36.26 -28.12 -12.89
C GLN D 180 -37.68 -28.26 -13.42
N ALA D 181 -38.01 -27.48 -14.44
CA ALA D 181 -39.39 -27.43 -14.93
C ALA D 181 -39.79 -28.72 -15.63
N THR D 182 -38.84 -29.37 -16.29
CA THR D 182 -39.09 -30.66 -16.93
C THR D 182 -37.81 -31.49 -16.79
N SER D 183 -37.95 -32.73 -16.32
CA SER D 183 -36.77 -33.54 -16.05
C SER D 183 -36.14 -34.12 -17.32
N SER D 184 -36.87 -34.14 -18.44
CA SER D 184 -36.30 -34.67 -19.68
C SER D 184 -36.95 -33.97 -20.86
N VAL D 185 -36.13 -33.48 -21.79
CA VAL D 185 -36.63 -32.84 -22.99
C VAL D 185 -36.12 -33.61 -24.21
N PRO D 186 -36.90 -33.69 -25.29
CA PRO D 186 -36.39 -34.31 -26.52
C PRO D 186 -35.39 -33.40 -27.23
N VAL D 187 -34.49 -34.04 -27.96
CA VAL D 187 -33.34 -33.36 -28.56
C VAL D 187 -33.34 -33.61 -30.06
N THR D 188 -33.30 -32.52 -30.83
CA THR D 188 -32.96 -32.59 -32.24
C THR D 188 -31.57 -31.98 -32.41
N PRO D 189 -30.61 -32.71 -33.00
CA PRO D 189 -29.25 -32.15 -33.13
C PRO D 189 -29.17 -30.99 -34.11
N GLY D 190 -29.01 -29.79 -33.57
CA GLY D 190 -29.08 -28.57 -34.34
C GLY D 190 -30.26 -27.68 -34.02
N GLU D 191 -31.07 -28.03 -33.03
CA GLU D 191 -32.25 -27.26 -32.66
C GLU D 191 -31.99 -26.42 -31.43
N SER D 192 -32.66 -25.26 -31.36
CA SER D 192 -32.49 -24.34 -30.25
C SER D 192 -33.29 -24.84 -29.05
N VAL D 193 -32.58 -25.33 -28.03
CA VAL D 193 -33.21 -25.92 -26.85
C VAL D 193 -33.09 -24.94 -25.69
N SER D 194 -34.22 -24.64 -25.06
CA SER D 194 -34.25 -23.81 -23.86
C SER D 194 -34.48 -24.71 -22.65
N ILE D 195 -33.58 -24.62 -21.68
CA ILE D 195 -33.68 -25.36 -20.43
C ILE D 195 -33.92 -24.37 -19.31
N SER D 196 -35.01 -24.51 -18.60
CA SER D 196 -35.45 -23.53 -17.62
C SER D 196 -35.31 -24.08 -16.21
N CYS D 197 -34.96 -23.21 -15.28
CA CYS D 197 -34.87 -23.53 -13.87
C CYS D 197 -35.76 -22.56 -13.11
N ARG D 198 -36.48 -23.06 -12.11
CA ARG D 198 -37.39 -22.26 -11.32
C ARG D 198 -36.89 -22.21 -9.88
N SER D 199 -36.62 -21.01 -9.39
CA SER D 199 -36.16 -20.83 -8.03
C SER D 199 -37.35 -20.73 -7.07
N SER D 200 -37.04 -20.68 -5.77
CA SER D 200 -38.03 -20.41 -4.75
C SER D 200 -37.64 -19.20 -3.92
N LYS D 201 -36.78 -18.34 -4.45
CA LYS D 201 -36.41 -17.07 -3.84
C LYS D 201 -35.82 -16.19 -4.93
N SER D 202 -35.80 -14.89 -4.66
CA SER D 202 -35.18 -13.94 -5.59
C SER D 202 -33.68 -14.07 -5.51
N LEU D 203 -33.07 -14.65 -6.54
CA LEU D 203 -31.63 -14.83 -6.57
C LEU D 203 -30.88 -13.56 -6.97
N LEU D 204 -31.58 -12.54 -7.44
CA LEU D 204 -30.96 -11.24 -7.68
C LEU D 204 -30.63 -10.59 -6.35
N HIS D 205 -29.36 -10.61 -5.98
CA HIS D 205 -28.97 -9.94 -4.76
C HIS D 205 -28.89 -8.43 -5.00
N SER D 206 -28.84 -7.67 -3.90
CA SER D 206 -28.81 -6.22 -3.96
C SER D 206 -27.53 -5.66 -4.57
N ASN D 207 -26.44 -6.42 -4.60
CA ASN D 207 -25.19 -5.94 -5.19
C ASN D 207 -25.23 -5.90 -6.71
N GLY D 208 -26.26 -6.47 -7.34
CA GLY D 208 -26.35 -6.52 -8.77
C GLY D 208 -26.04 -7.86 -9.38
N ASN D 209 -25.84 -8.89 -8.57
CA ASN D 209 -25.50 -10.21 -9.05
C ASN D 209 -26.68 -11.16 -8.88
N THR D 210 -26.60 -12.29 -9.55
CA THR D 210 -27.67 -13.29 -9.59
C THR D 210 -27.07 -14.70 -9.60
N TYR D 211 -26.90 -15.26 -8.40
CA TYR D 211 -26.05 -16.42 -8.20
C TYR D 211 -26.77 -17.71 -8.61
N LEU D 212 -26.92 -17.86 -9.92
CA LEU D 212 -27.38 -19.10 -10.52
C LEU D 212 -26.24 -19.68 -11.35
N TYR D 213 -25.98 -20.97 -11.19
CA TYR D 213 -24.89 -21.64 -11.87
C TYR D 213 -25.46 -22.79 -12.69
N TRP D 214 -24.91 -22.98 -13.89
CA TRP D 214 -25.37 -24.02 -14.79
C TRP D 214 -24.26 -25.05 -14.96
N PHE D 215 -24.61 -26.32 -14.83
CA PHE D 215 -23.68 -27.43 -14.94
C PHE D 215 -24.15 -28.40 -16.00
N LEU D 216 -23.21 -29.05 -16.67
CA LEU D 216 -23.50 -30.14 -17.60
C LEU D 216 -22.75 -31.38 -17.14
N GLN D 217 -23.50 -32.42 -16.79
CA GLN D 217 -22.95 -33.72 -16.49
C GLN D 217 -23.11 -34.58 -17.74
N ARG D 218 -22.04 -34.70 -18.51
CA ARG D 218 -22.02 -35.64 -19.59
C ARG D 218 -22.01 -37.06 -19.02
N PRO D 219 -22.54 -38.05 -19.76
CA PRO D 219 -22.62 -39.42 -19.21
C PRO D 219 -21.27 -40.06 -18.93
N GLY D 220 -20.98 -40.30 -17.65
CA GLY D 220 -19.72 -40.84 -17.22
C GLY D 220 -18.64 -39.81 -16.98
N GLN D 221 -18.90 -38.55 -17.28
CA GLN D 221 -17.93 -37.47 -17.13
C GLN D 221 -18.47 -36.50 -16.08
N SER D 222 -17.56 -35.82 -15.38
CA SER D 222 -17.94 -34.99 -14.24
C SER D 222 -18.69 -33.75 -14.71
N PRO D 223 -19.51 -33.15 -13.84
CA PRO D 223 -20.11 -31.85 -14.16
C PRO D 223 -19.07 -30.77 -14.39
N GLN D 224 -19.34 -29.92 -15.38
CA GLN D 224 -18.49 -28.82 -15.75
C GLN D 224 -19.30 -27.54 -15.61
N LEU D 225 -18.65 -26.45 -15.22
CA LEU D 225 -19.34 -25.18 -15.20
C LEU D 225 -19.55 -24.67 -16.62
N LEU D 226 -20.82 -24.45 -16.97
CA LEU D 226 -21.16 -23.84 -18.25
C LEU D 226 -21.34 -22.33 -18.12
N ILE D 227 -22.30 -21.89 -17.33
CA ILE D 227 -22.61 -20.48 -17.14
C ILE D 227 -22.64 -20.18 -15.65
N TYR D 228 -21.91 -19.14 -15.25
CA TYR D 228 -21.86 -18.72 -13.86
C TYR D 228 -22.52 -17.36 -13.70
N ARG D 229 -23.24 -17.21 -12.58
CA ARG D 229 -24.00 -16.01 -12.21
C ARG D 229 -25.04 -15.64 -13.26
N MET D 230 -25.63 -16.68 -13.86
CA MET D 230 -26.81 -16.75 -14.74
C MET D 230 -26.54 -16.21 -16.14
N SER D 231 -25.42 -15.50 -16.32
CA SER D 231 -25.21 -14.78 -17.57
C SER D 231 -23.84 -15.06 -18.19
N ASN D 232 -22.84 -15.29 -17.35
CA ASN D 232 -21.45 -15.28 -17.80
C ASN D 232 -21.00 -16.66 -18.22
N LEU D 233 -20.47 -16.77 -19.44
CA LEU D 233 -19.94 -18.03 -19.91
C LEU D 233 -18.64 -18.38 -19.20
N ALA D 234 -18.49 -19.65 -18.87
CA ALA D 234 -17.23 -20.11 -18.29
C ALA D 234 -16.19 -20.31 -19.39
N SER D 235 -14.93 -20.38 -18.98
CA SER D 235 -13.86 -20.61 -19.95
C SER D 235 -13.91 -22.06 -20.39
N GLY D 236 -14.12 -22.26 -21.69
CA GLY D 236 -14.16 -23.60 -22.25
C GLY D 236 -15.55 -24.08 -22.60
N VAL D 237 -16.44 -23.14 -22.92
CA VAL D 237 -17.74 -23.51 -23.48
C VAL D 237 -17.88 -22.79 -24.80
N PRO D 238 -18.64 -23.31 -25.76
CA PRO D 238 -18.91 -22.57 -26.99
C PRO D 238 -19.84 -21.40 -26.72
N ASP D 239 -19.80 -20.43 -27.62
CA ASP D 239 -20.63 -19.23 -27.53
C ASP D 239 -22.10 -19.50 -27.81
N ARG D 240 -22.44 -20.69 -28.30
CA ARG D 240 -23.82 -21.08 -28.51
C ARG D 240 -24.58 -21.30 -27.20
N PHE D 241 -23.87 -21.56 -26.11
CA PHE D 241 -24.49 -21.59 -24.79
C PHE D 241 -24.83 -20.18 -24.35
N SER D 242 -26.00 -20.00 -23.78
CA SER D 242 -26.46 -18.69 -23.37
C SER D 242 -27.49 -18.85 -22.26
N GLY D 243 -27.34 -18.05 -21.22
CA GLY D 243 -28.31 -18.05 -20.16
C GLY D 243 -28.70 -16.64 -19.79
N SER D 244 -29.96 -16.45 -19.43
CA SER D 244 -30.43 -15.17 -18.95
C SER D 244 -31.63 -15.43 -18.05
N GLY D 245 -32.35 -14.37 -17.72
CA GLY D 245 -33.56 -14.53 -16.93
C GLY D 245 -33.85 -13.28 -16.12
N SER D 246 -34.53 -13.51 -15.00
CA SER D 246 -34.88 -12.45 -14.07
C SER D 246 -34.80 -13.03 -12.68
N GLY D 247 -35.35 -12.33 -11.69
CA GLY D 247 -35.42 -12.86 -10.34
C GLY D 247 -36.32 -14.08 -10.28
N THR D 248 -35.76 -15.21 -9.83
CA THR D 248 -36.46 -16.49 -9.63
C THR D 248 -37.09 -17.04 -10.91
N ALA D 249 -36.54 -16.69 -12.06
CA ALA D 249 -37.03 -17.20 -13.34
C ALA D 249 -35.87 -17.17 -14.32
N PHE D 250 -35.40 -18.35 -14.73
CA PHE D 250 -34.17 -18.47 -15.48
C PHE D 250 -34.36 -19.43 -16.64
N THR D 251 -33.49 -19.30 -17.64
CA THR D 251 -33.49 -20.22 -18.76
C THR D 251 -32.09 -20.39 -19.30
N LEU D 252 -31.83 -21.56 -19.88
CA LEU D 252 -30.58 -21.85 -20.55
C LEU D 252 -30.89 -22.21 -22.00
N THR D 253 -30.54 -21.30 -22.91
CA THR D 253 -30.81 -21.46 -24.32
C THR D 253 -29.59 -22.06 -25.00
N ILE D 254 -29.76 -23.22 -25.62
CA ILE D 254 -28.70 -23.84 -26.39
C ILE D 254 -29.09 -23.76 -27.85
N SER D 255 -28.68 -22.70 -28.52
CA SER D 255 -28.84 -22.65 -29.97
C SER D 255 -27.77 -23.51 -30.61
N ARG D 256 -28.05 -23.94 -31.85
CA ARG D 256 -27.19 -24.75 -32.75
C ARG D 256 -26.52 -25.91 -32.00
N LEU D 257 -27.39 -26.81 -31.54
CA LEU D 257 -26.98 -27.96 -30.72
C LEU D 257 -26.02 -28.86 -31.47
N GLU D 258 -24.93 -29.24 -30.81
CA GLU D 258 -23.88 -30.07 -31.38
C GLU D 258 -23.91 -31.45 -30.74
N ALA D 259 -23.22 -32.38 -31.40
CA ALA D 259 -23.07 -33.72 -30.85
C ALA D 259 -22.14 -33.69 -29.64
N GLU D 260 -22.26 -34.74 -28.81
CA GLU D 260 -21.59 -34.86 -27.51
C GLU D 260 -21.88 -33.65 -26.62
N ASP D 261 -23.17 -33.37 -26.46
CA ASP D 261 -23.64 -32.29 -25.61
C ASP D 261 -24.83 -32.77 -24.78
N VAL D 262 -25.31 -33.99 -25.03
CA VAL D 262 -26.42 -34.53 -24.28
C VAL D 262 -25.95 -34.89 -22.87
N GLY D 263 -26.91 -34.98 -21.97
CA GLY D 263 -26.62 -35.28 -20.58
C GLY D 263 -27.67 -34.63 -19.70
N VAL D 264 -27.34 -34.55 -18.42
CA VAL D 264 -28.22 -34.00 -17.42
C VAL D 264 -27.74 -32.62 -17.04
N TYR D 265 -28.65 -31.66 -16.92
CA TYR D 265 -28.29 -30.27 -16.71
C TYR D 265 -28.74 -29.84 -15.32
N TYR D 266 -27.89 -29.06 -14.64
CA TYR D 266 -28.09 -28.75 -13.23
C TYR D 266 -28.05 -27.24 -13.02
N CYS D 267 -29.06 -26.71 -12.33
CA CYS D 267 -29.07 -25.32 -11.88
C CYS D 267 -28.78 -25.28 -10.38
N MET D 268 -27.86 -24.41 -9.99
CA MET D 268 -27.42 -24.31 -8.61
C MET D 268 -27.59 -22.88 -8.13
N GLN D 269 -28.14 -22.71 -6.93
CA GLN D 269 -28.14 -21.40 -6.31
C GLN D 269 -26.86 -21.22 -5.51
N HIS D 270 -26.41 -19.97 -5.42
CA HIS D 270 -25.31 -19.62 -4.54
C HIS D 270 -25.60 -18.31 -3.84
N LEU D 271 -26.88 -18.07 -3.51
CA LEU D 271 -27.20 -16.88 -2.74
C LEU D 271 -26.77 -17.02 -1.30
N GLU D 272 -26.88 -18.22 -0.75
CA GLU D 272 -26.59 -18.50 0.65
C GLU D 272 -26.44 -20.00 0.84
N TYR D 273 -25.65 -20.36 1.81
CA TYR D 273 -25.49 -21.78 2.11
C TYR D 273 -26.68 -22.28 2.91
N PRO D 274 -27.11 -23.54 2.70
CA PRO D 274 -26.61 -24.59 1.82
C PRO D 274 -26.97 -24.42 0.35
N LEU D 275 -25.99 -24.62 -0.52
CA LEU D 275 -26.23 -24.59 -1.94
C LEU D 275 -27.05 -25.80 -2.37
N THR D 276 -28.06 -25.55 -3.19
CA THR D 276 -28.95 -26.61 -3.64
C THR D 276 -28.89 -26.70 -5.15
N PHE D 277 -29.20 -27.89 -5.67
CA PHE D 277 -29.13 -28.17 -7.09
C PHE D 277 -30.53 -28.46 -7.62
N GLY D 278 -30.65 -28.37 -8.94
CA GLY D 278 -31.84 -28.85 -9.60
C GLY D 278 -31.92 -30.36 -9.57
N ALA D 279 -33.12 -30.89 -9.80
CA ALA D 279 -33.28 -32.34 -9.83
C ALA D 279 -32.59 -32.95 -11.04
N GLY D 280 -32.57 -32.22 -12.14
CA GLY D 280 -31.83 -32.66 -13.31
C GLY D 280 -32.64 -32.72 -14.59
N THR D 281 -32.17 -32.03 -15.62
CA THR D 281 -32.85 -31.99 -16.92
C THR D 281 -32.04 -32.79 -17.92
N LYS D 282 -32.50 -34.00 -18.22
CA LYS D 282 -31.81 -34.90 -19.12
C LYS D 282 -32.08 -34.50 -20.56
N LEU D 283 -31.04 -34.54 -21.39
CA LEU D 283 -31.15 -34.27 -22.82
C LEU D 283 -30.98 -35.61 -23.52
N GLU D 284 -32.00 -36.05 -24.26
CA GLU D 284 -32.00 -37.35 -24.90
C GLU D 284 -32.34 -37.22 -26.38
N LEU D 285 -31.49 -37.79 -27.22
CA LEU D 285 -31.68 -37.78 -28.67
C LEU D 285 -32.89 -38.62 -29.08
N THR E 30 -8.78 24.21 50.13
CA THR E 30 -9.37 22.88 49.97
C THR E 30 -10.34 22.87 48.79
N LEU E 31 -10.92 24.04 48.49
CA LEU E 31 -11.86 24.13 47.39
C LEU E 31 -11.13 24.39 46.07
N ILE E 32 -10.30 25.43 46.04
CA ILE E 32 -9.61 25.79 44.80
C ILE E 32 -8.58 24.74 44.36
N PRO E 33 -8.02 23.87 45.24
CA PRO E 33 -7.45 22.61 44.71
C PRO E 33 -8.42 21.78 43.88
N VAL E 34 -9.69 21.70 44.27
CA VAL E 34 -10.63 20.85 43.55
C VAL E 34 -11.06 21.52 42.24
N PHE E 35 -11.14 22.86 42.24
CA PHE E 35 -11.37 23.55 40.97
C PHE E 35 -10.17 23.42 40.03
N LEU E 36 -8.96 23.43 40.59
CA LEU E 36 -7.76 23.31 39.77
C LEU E 36 -7.66 21.91 39.17
N ILE E 37 -8.00 20.88 39.95
CA ILE E 37 -7.99 19.52 39.41
C ILE E 37 -9.14 19.33 38.42
N LEU E 38 -10.24 20.09 38.57
CA LEU E 38 -11.30 20.09 37.58
C LEU E 38 -10.78 20.59 36.23
N PHE E 39 -10.06 21.71 36.24
CA PHE E 39 -9.52 22.26 34.98
C PHE E 39 -8.50 21.31 34.36
N ILE E 40 -7.53 20.83 35.16
CA ILE E 40 -6.49 19.94 34.67
C ILE E 40 -7.08 18.62 34.16
N ALA E 41 -8.08 18.10 34.88
CA ALA E 41 -8.66 16.81 34.52
C ALA E 41 -9.48 16.90 33.24
N LEU E 42 -10.21 18.01 33.03
CA LEU E 42 -10.94 18.14 31.77
C LEU E 42 -10.01 18.35 30.57
N VAL E 43 -8.96 19.17 30.72
CA VAL E 43 -8.08 19.38 29.56
C VAL E 43 -7.29 18.11 29.25
N GLY E 44 -6.90 17.37 30.29
CA GLY E 44 -6.28 16.07 30.08
C GLY E 44 -7.24 15.05 29.50
N LEU E 45 -8.52 15.13 29.91
CA LEU E 45 -9.53 14.21 29.41
C LEU E 45 -9.71 14.37 27.91
N VAL E 46 -9.85 15.61 27.44
CA VAL E 46 -10.08 15.82 26.01
C VAL E 46 -8.82 15.51 25.21
N GLY E 47 -7.63 15.88 25.71
CA GLY E 47 -6.39 15.59 24.99
C GLY E 47 -6.10 14.11 24.88
N ASN E 48 -6.15 13.40 26.01
CA ASN E 48 -5.92 11.96 26.02
C ASN E 48 -7.04 11.23 25.30
N GLY E 49 -8.24 11.81 25.27
CA GLY E 49 -9.33 11.20 24.54
C GLY E 49 -9.12 11.20 23.04
N PHE E 50 -8.66 12.33 22.47
CA PHE E 50 -8.51 12.25 21.02
C PHE E 50 -7.17 11.61 20.64
N VAL E 51 -6.21 11.52 21.58
CA VAL E 51 -5.10 10.58 21.38
C VAL E 51 -5.61 9.15 21.28
N LEU E 52 -6.50 8.77 22.19
CA LEU E 52 -7.12 7.46 22.22
C LEU E 52 -8.01 7.21 21.00
N TRP E 53 -8.49 8.26 20.33
CA TRP E 53 -9.19 8.03 19.08
C TRP E 53 -8.25 7.88 17.88
N LEU E 54 -7.29 8.80 17.78
CA LEU E 54 -6.28 8.80 16.74
C LEU E 54 -5.59 7.49 16.62
N LEU E 55 -4.76 7.15 17.60
CA LEU E 55 -4.06 5.86 17.44
C LEU E 55 -4.89 4.69 17.96
N GLY E 56 -6.14 4.92 18.33
CA GLY E 56 -7.04 3.81 18.63
C GLY E 56 -7.63 3.20 17.36
N PHE E 57 -8.10 4.06 16.45
CA PHE E 57 -8.73 3.56 15.23
C PHE E 57 -8.14 4.16 13.97
N ARG E 58 -7.73 5.44 14.06
CA ARG E 58 -7.37 6.18 12.85
C ARG E 58 -6.00 5.77 12.30
N MET E 59 -4.94 5.98 13.07
CA MET E 59 -3.59 6.05 12.54
C MET E 59 -2.89 4.71 12.68
N ARG E 60 -2.05 4.38 11.69
CA ARG E 60 -1.27 3.15 11.67
C ARG E 60 -0.32 3.10 12.88
N ARG E 61 -0.29 1.95 13.53
CA ARG E 61 0.46 1.93 14.75
C ARG E 61 1.72 1.16 14.84
N ASN E 62 2.54 1.65 15.75
CA ASN E 62 3.78 0.99 16.12
C ASN E 62 3.48 -0.11 17.14
N ALA E 63 4.50 -0.90 17.44
CA ALA E 63 4.43 -1.76 18.63
C ALA E 63 4.51 -0.91 19.89
N PHE E 64 5.22 0.22 19.80
CA PHE E 64 5.26 1.21 20.86
C PHE E 64 3.91 1.87 21.08
N SER E 65 3.17 2.09 20.00
CA SER E 65 1.89 2.77 20.08
C SER E 65 0.85 1.95 20.81
N VAL E 66 1.03 0.63 20.87
CA VAL E 66 0.17 -0.20 21.72
C VAL E 66 0.38 0.16 23.19
N TYR E 67 1.63 0.41 23.58
CA TYR E 67 1.91 0.87 24.94
C TYR E 67 1.32 2.25 25.19
N VAL E 68 1.42 3.15 24.20
CA VAL E 68 0.83 4.48 24.36
C VAL E 68 -0.69 4.40 24.44
N LEU E 69 -1.29 3.47 23.68
CA LEU E 69 -2.73 3.24 23.71
C LEU E 69 -3.19 2.73 25.06
N SER E 70 -2.47 1.77 25.63
CA SER E 70 -2.87 1.23 26.92
C SER E 70 -2.65 2.24 28.05
N LEU E 71 -1.59 3.04 27.95
CA LEU E 71 -1.41 4.15 28.88
C LEU E 71 -2.52 5.17 28.75
N ALA E 72 -2.98 5.43 27.53
CA ALA E 72 -4.10 6.33 27.30
C ALA E 72 -5.40 5.77 27.88
N GLY E 73 -5.61 4.46 27.78
CA GLY E 73 -6.80 3.87 28.36
C GLY E 73 -6.83 3.94 29.88
N ALA E 74 -5.70 3.59 30.51
CA ALA E 74 -5.56 3.71 31.96
C ALA E 74 -5.75 5.16 32.40
N ASP E 75 -5.18 6.07 31.63
CA ASP E 75 -5.19 7.46 32.01
C ASP E 75 -6.56 8.08 31.80
N PHE E 76 -7.28 7.61 30.78
CA PHE E 76 -8.66 8.02 30.53
C PHE E 76 -9.56 7.60 31.68
N LEU E 77 -9.40 6.36 32.13
CA LEU E 77 -10.20 5.87 33.27
C LEU E 77 -9.92 6.66 34.54
N PHE E 78 -8.63 6.92 34.83
CA PHE E 78 -8.27 7.68 36.02
C PHE E 78 -8.80 9.11 35.97
N LEU E 79 -8.69 9.74 34.81
CA LEU E 79 -9.13 11.13 34.68
C LEU E 79 -10.63 11.27 34.76
N CYS E 80 -11.38 10.37 34.13
CA CYS E 80 -12.82 10.49 34.20
C CYS E 80 -13.33 10.17 35.61
N PHE E 81 -12.65 9.26 36.32
CA PHE E 81 -13.09 8.97 37.69
C PHE E 81 -12.78 10.12 38.63
N GLN E 82 -11.66 10.83 38.40
CA GLN E 82 -11.42 12.05 39.17
C GLN E 82 -12.39 13.17 38.81
N ILE E 83 -12.84 13.23 37.56
CA ILE E 83 -13.87 14.19 37.18
C ILE E 83 -15.18 13.91 37.90
N ILE E 84 -15.55 12.62 38.00
CA ILE E 84 -16.78 12.24 38.71
C ILE E 84 -16.66 12.56 40.20
N ASN E 85 -15.51 12.29 40.82
CA ASN E 85 -15.36 12.63 42.24
C ASN E 85 -15.34 14.15 42.46
N CYS E 86 -14.81 14.90 41.50
CA CYS E 86 -14.88 16.36 41.56
C CYS E 86 -16.32 16.85 41.47
N LEU E 87 -17.12 16.23 40.60
CA LEU E 87 -18.54 16.58 40.52
C LEU E 87 -19.28 16.22 41.80
N VAL E 88 -18.87 15.13 42.46
CA VAL E 88 -19.45 14.73 43.74
C VAL E 88 -19.18 15.80 44.79
N TYR E 89 -17.94 16.29 44.87
CA TYR E 89 -17.63 17.35 45.82
C TYR E 89 -18.34 18.66 45.48
N LEU E 90 -18.44 18.99 44.20
CA LEU E 90 -19.13 20.22 43.80
C LEU E 90 -20.62 20.15 44.11
N SER E 91 -21.25 19.00 43.85
CA SER E 91 -22.67 18.83 44.16
C SER E 91 -22.92 18.84 45.65
N ASN E 92 -22.07 18.19 46.44
CA ASN E 92 -22.27 18.14 47.87
C ASN E 92 -21.76 19.39 48.59
N PHE E 93 -21.13 20.32 47.89
CA PHE E 93 -20.88 21.63 48.46
C PHE E 93 -21.88 22.70 48.01
N PHE E 94 -22.50 22.55 46.84
CA PHE E 94 -23.47 23.54 46.38
C PHE E 94 -24.91 23.06 46.45
N CYS E 95 -25.24 21.98 45.75
CA CYS E 95 -26.62 21.53 45.68
C CYS E 95 -27.02 20.62 46.83
N SER E 96 -26.04 20.08 47.56
CA SER E 96 -26.23 19.23 48.75
C SER E 96 -27.09 18.00 48.44
N ILE E 97 -26.86 17.42 47.26
CA ILE E 97 -27.58 16.22 46.86
C ILE E 97 -27.12 15.03 47.70
N SER E 98 -25.85 15.02 48.12
CA SER E 98 -25.23 14.00 48.95
C SER E 98 -25.29 12.61 48.31
N ILE E 99 -24.62 12.51 47.16
CA ILE E 99 -24.58 11.27 46.38
C ILE E 99 -23.54 10.36 47.03
N ASN E 100 -24.00 9.36 47.78
CA ASN E 100 -23.11 8.31 48.26
C ASN E 100 -22.75 7.44 47.07
N PHE E 101 -21.66 7.78 46.40
CA PHE E 101 -21.25 7.10 45.20
C PHE E 101 -20.77 5.68 45.53
N PRO E 102 -21.10 4.70 44.68
CA PRO E 102 -20.68 3.31 44.93
C PRO E 102 -19.18 3.18 44.90
N SER E 103 -18.62 2.68 45.99
CA SER E 103 -17.18 2.53 46.13
C SER E 103 -16.66 1.26 45.44
N PHE E 104 -17.48 0.60 44.62
CA PHE E 104 -16.99 -0.40 43.69
C PHE E 104 -16.00 0.21 42.72
N PHE E 105 -16.24 1.45 42.28
CA PHE E 105 -15.49 2.03 41.18
C PHE E 105 -14.07 2.43 41.56
N THR E 106 -13.80 2.76 42.82
CA THR E 106 -12.44 3.16 43.18
C THR E 106 -11.45 2.00 43.15
N THR E 107 -11.93 0.75 43.15
CA THR E 107 -11.08 -0.39 42.82
C THR E 107 -10.59 -0.29 41.37
N VAL E 108 -11.50 0.03 40.45
CA VAL E 108 -11.14 0.24 39.05
C VAL E 108 -10.24 1.46 38.91
N MET E 109 -10.46 2.49 39.72
CA MET E 109 -9.60 3.66 39.72
C MET E 109 -8.17 3.34 40.15
N THR E 110 -8.04 2.54 41.22
CA THR E 110 -6.73 2.10 41.68
C THR E 110 -6.04 1.26 40.62
N CYS E 111 -6.79 0.39 39.94
CA CYS E 111 -6.25 -0.38 38.83
C CYS E 111 -5.79 0.53 37.69
N ALA E 112 -6.55 1.57 37.36
CA ALA E 112 -6.19 2.47 36.28
C ALA E 112 -4.93 3.26 36.60
N TYR E 113 -4.81 3.74 37.84
CA TYR E 113 -3.62 4.48 38.25
C TYR E 113 -2.38 3.59 38.24
N LEU E 114 -2.49 2.40 38.84
CA LEU E 114 -1.34 1.49 38.88
C LEU E 114 -0.97 0.99 37.50
N ALA E 115 -1.96 0.78 36.64
CA ALA E 115 -1.68 0.38 35.27
C ALA E 115 -1.03 1.50 34.47
N GLY E 116 -1.42 2.75 34.73
CA GLY E 116 -0.77 3.86 34.06
C GLY E 116 0.71 3.99 34.42
N LEU E 117 1.03 3.86 35.71
CA LEU E 117 2.44 3.90 36.10
C LEU E 117 3.21 2.67 35.61
N SER E 118 2.55 1.50 35.60
CA SER E 118 3.18 0.28 35.11
C SER E 118 3.49 0.38 33.62
N MET E 119 2.56 0.95 32.85
CA MET E 119 2.81 1.11 31.43
C MET E 119 3.86 2.18 31.17
N LEU E 120 3.97 3.17 32.05
CA LEU E 120 5.01 4.17 31.84
C LEU E 120 6.40 3.58 32.08
N SER E 121 6.51 2.72 33.10
CA SER E 121 7.73 1.96 33.31
C SER E 121 8.03 1.01 32.16
N THR E 122 6.98 0.44 31.54
CA THR E 122 7.18 -0.46 30.42
C THR E 122 7.65 0.29 29.16
N VAL E 123 7.15 1.52 28.96
CA VAL E 123 7.68 2.41 27.91
C VAL E 123 9.16 2.66 28.10
N SER E 124 9.57 2.97 29.34
CA SER E 124 11.00 3.21 29.59
C SER E 124 11.83 1.95 29.38
N THR E 125 11.32 0.80 29.80
CA THR E 125 12.03 -0.47 29.61
C THR E 125 12.17 -0.83 28.13
N GLU E 126 11.12 -0.62 27.34
CA GLU E 126 11.19 -0.96 25.93
C GLU E 126 12.11 0.00 25.17
N ARG E 127 12.18 1.27 25.59
CA ARG E 127 13.17 2.18 25.01
C ARG E 127 14.59 1.72 25.33
N CYS E 128 14.83 1.29 26.57
CA CYS E 128 16.13 0.76 26.95
C CYS E 128 16.48 -0.50 26.16
N LEU E 129 15.50 -1.37 25.93
CA LEU E 129 15.75 -2.57 25.16
C LEU E 129 15.93 -2.27 23.68
N SER E 130 15.37 -1.16 23.21
CA SER E 130 15.55 -0.77 21.82
C SER E 130 16.97 -0.30 21.57
N VAL E 131 17.56 0.42 22.53
CA VAL E 131 18.95 0.85 22.31
C VAL E 131 19.98 -0.18 22.74
N LEU E 132 19.78 -0.88 23.85
CA LEU E 132 20.72 -1.88 24.32
C LEU E 132 20.80 -3.11 23.42
N TRP E 133 19.70 -3.54 22.83
CA TRP E 133 19.65 -4.69 21.93
C TRP E 133 18.99 -4.25 20.63
N PRO E 134 19.71 -3.56 19.75
CA PRO E 134 19.07 -2.91 18.60
C PRO E 134 18.64 -3.87 17.51
N ILE E 135 19.51 -4.82 17.15
CA ILE E 135 19.20 -5.77 16.09
C ILE E 135 18.11 -6.73 16.56
N TRP E 136 18.09 -7.08 17.84
CA TRP E 136 17.00 -7.89 18.38
C TRP E 136 15.68 -7.15 18.31
N TYR E 137 15.68 -5.87 18.68
CA TYR E 137 14.46 -5.08 18.69
C TYR E 137 13.94 -4.86 17.28
N ARG E 138 14.86 -4.75 16.31
CA ARG E 138 14.44 -4.60 14.92
C ARG E 138 13.88 -5.90 14.37
N CYS E 139 14.70 -6.95 14.36
CA CYS E 139 14.34 -8.18 13.67
C CYS E 139 13.56 -9.16 14.52
N ARG E 140 14.06 -9.53 15.69
CA ARG E 140 13.53 -10.72 16.37
C ARG E 140 12.55 -10.38 17.49
N ARG E 141 12.11 -9.15 17.62
CA ARG E 141 11.05 -8.85 18.57
C ARG E 141 9.72 -9.38 18.04
N PRO E 142 8.99 -10.18 18.81
CA PRO E 142 7.65 -10.60 18.38
C PRO E 142 6.69 -9.42 18.31
N ARG E 143 5.83 -9.43 17.30
CA ARG E 143 4.93 -8.30 17.08
C ARG E 143 3.82 -8.27 18.12
N HIS E 144 3.42 -9.44 18.62
CA HIS E 144 2.45 -9.50 19.70
C HIS E 144 3.10 -9.63 21.07
N LEU E 145 4.36 -9.25 21.21
CA LEU E 145 4.93 -9.21 22.56
C LEU E 145 4.42 -7.96 23.26
N SER E 146 4.22 -6.88 22.51
CA SER E 146 3.67 -5.65 23.08
C SER E 146 2.26 -5.85 23.61
N ALA E 147 1.43 -6.57 22.85
CA ALA E 147 0.07 -6.87 23.28
C ALA E 147 0.06 -7.75 24.52
N VAL E 148 0.94 -8.75 24.59
CA VAL E 148 0.89 -9.63 25.75
C VAL E 148 1.50 -8.94 26.97
N VAL E 149 2.43 -8.00 26.80
CA VAL E 149 2.90 -7.21 27.94
C VAL E 149 1.80 -6.29 28.45
N CYS E 150 1.05 -5.65 27.54
CA CYS E 150 -0.07 -4.81 27.96
C CYS E 150 -1.15 -5.62 28.68
N VAL E 151 -1.48 -6.80 28.13
CA VAL E 151 -2.55 -7.62 28.68
C VAL E 151 -2.14 -8.19 30.04
N LEU E 152 -0.93 -8.75 30.13
CA LEU E 152 -0.47 -9.35 31.38
C LEU E 152 -0.25 -8.29 32.45
N LEU E 153 0.17 -7.09 32.05
CA LEU E 153 0.43 -6.05 33.02
C LEU E 153 -0.88 -5.45 33.55
N TRP E 154 -1.87 -5.27 32.66
CA TRP E 154 -3.20 -4.89 33.12
C TRP E 154 -3.84 -5.97 33.97
N ALA E 155 -3.57 -7.25 33.67
CA ALA E 155 -4.14 -8.33 34.46
C ALA E 155 -3.51 -8.37 35.85
N LEU E 156 -2.21 -8.11 35.93
CA LEU E 156 -1.53 -8.01 37.22
C LEU E 156 -2.07 -6.83 38.04
N SER E 157 -2.27 -5.68 37.39
CA SER E 157 -2.79 -4.51 38.09
C SER E 157 -4.25 -4.72 38.51
N LEU E 158 -5.04 -5.36 37.66
CA LEU E 158 -6.43 -5.67 38.00
C LEU E 158 -6.53 -6.67 39.14
N LEU E 159 -5.72 -7.72 39.12
CA LEU E 159 -5.73 -8.71 40.20
C LEU E 159 -5.29 -8.08 41.50
N LEU E 160 -4.27 -7.21 41.45
CA LEU E 160 -3.78 -6.52 42.63
C LEU E 160 -4.85 -5.59 43.20
N SER E 161 -5.53 -4.84 42.32
CA SER E 161 -6.53 -3.89 42.77
C SER E 161 -7.80 -4.60 43.27
N ILE E 162 -8.17 -5.73 42.64
CA ILE E 162 -9.38 -6.41 43.06
C ILE E 162 -9.13 -7.15 44.37
N LEU E 163 -7.87 -7.55 44.60
CA LEU E 163 -7.51 -8.13 45.89
C LEU E 163 -7.50 -7.06 46.97
N GLU E 164 -7.04 -5.86 46.64
CA GLU E 164 -7.11 -4.74 47.58
C GLU E 164 -8.55 -4.34 47.88
N GLY E 165 -9.42 -4.46 46.87
CA GLY E 165 -10.83 -4.15 47.07
C GLY E 165 -11.55 -5.14 47.96
N LYS E 166 -11.27 -6.44 47.79
CA LYS E 166 -11.74 -7.44 48.76
C LYS E 166 -11.14 -7.22 50.14
N PHE E 167 -9.85 -6.89 50.20
CA PHE E 167 -9.14 -7.00 51.47
C PHE E 167 -9.27 -5.73 52.29
N CYS E 168 -9.75 -4.65 51.67
CA CYS E 168 -9.88 -3.40 52.39
C CYS E 168 -11.33 -3.03 52.66
N GLY E 169 -12.22 -3.28 51.71
CA GLY E 169 -13.63 -3.01 51.95
C GLY E 169 -14.19 -1.89 51.10
N PHE E 170 -13.47 -1.51 50.05
CA PHE E 170 -14.06 -0.64 49.03
C PHE E 170 -15.20 -1.33 48.29
N LEU E 171 -15.07 -2.62 48.06
CA LEU E 171 -16.09 -3.37 47.37
C LEU E 171 -17.26 -3.67 48.33
N PHE E 172 -18.19 -4.50 47.85
CA PHE E 172 -19.38 -4.81 48.65
C PHE E 172 -19.05 -5.66 49.87
N SER E 173 -17.95 -6.40 49.84
CA SER E 173 -17.55 -7.19 50.99
C SER E 173 -16.66 -6.36 51.92
N ASP E 174 -16.92 -6.47 53.22
CA ASP E 174 -16.16 -5.74 54.22
C ASP E 174 -14.80 -6.44 54.38
N GLY E 175 -13.84 -5.71 54.94
CA GLY E 175 -12.50 -6.24 55.08
C GLY E 175 -11.84 -5.73 56.34
N ASP E 176 -10.98 -6.57 56.90
CA ASP E 176 -10.26 -6.24 58.13
C ASP E 176 -9.16 -5.22 57.87
N SER E 177 -8.61 -4.68 58.95
CA SER E 177 -7.71 -3.53 58.87
C SER E 177 -6.27 -3.90 58.55
N GLY E 178 -5.71 -4.88 59.24
CA GLY E 178 -4.32 -5.26 59.02
C GLY E 178 -4.09 -5.96 57.70
N TRP E 179 -5.03 -6.83 57.33
CA TRP E 179 -4.94 -7.58 56.09
C TRP E 179 -5.25 -6.73 54.87
N CYS E 180 -5.94 -5.61 55.06
CA CYS E 180 -5.88 -4.49 54.13
C CYS E 180 -4.48 -3.91 54.00
N GLN E 181 -3.87 -3.55 55.13
CA GLN E 181 -2.70 -2.69 55.09
C GLN E 181 -1.46 -3.45 54.62
N THR E 182 -1.41 -4.77 54.82
CA THR E 182 -0.23 -5.51 54.40
C THR E 182 -0.19 -5.67 52.87
N PHE E 183 -1.33 -5.97 52.25
CA PHE E 183 -1.35 -6.05 50.79
C PHE E 183 -1.39 -4.66 50.17
N ASP E 184 -1.77 -3.65 50.94
CA ASP E 184 -1.63 -2.29 50.47
C ASP E 184 -0.15 -1.88 50.48
N PHE E 185 0.62 -2.40 51.43
CA PHE E 185 2.07 -2.24 51.38
C PHE E 185 2.68 -3.05 50.24
N ILE E 186 2.05 -4.18 49.88
CA ILE E 186 2.47 -4.91 48.68
C ILE E 186 2.28 -4.04 47.44
N THR E 187 1.15 -3.33 47.35
CA THR E 187 0.93 -2.40 46.23
C THR E 187 1.97 -1.28 46.22
N ALA E 188 2.30 -0.75 47.41
CA ALA E 188 3.30 0.30 47.47
C ALA E 188 4.70 -0.21 47.12
N ALA E 189 5.00 -1.46 47.48
CA ALA E 189 6.27 -2.05 47.11
C ALA E 189 6.35 -2.31 45.61
N TRP E 190 5.23 -2.71 45.01
CA TRP E 190 5.16 -2.82 43.55
C TRP E 190 5.35 -1.47 42.89
N LEU E 191 4.83 -0.41 43.50
CA LEU E 191 4.98 0.93 42.94
C LEU E 191 6.42 1.42 43.02
N ILE E 192 7.09 1.19 44.14
CA ILE E 192 8.47 1.63 44.27
C ILE E 192 9.38 0.74 43.41
N PHE E 193 8.96 -0.50 43.17
CA PHE E 193 9.66 -1.35 42.20
C PHE E 193 9.49 -0.82 40.79
N LEU E 194 8.30 -0.30 40.46
CA LEU E 194 8.11 0.33 39.16
C LEU E 194 9.00 1.56 39.01
N PHE E 195 9.18 2.31 40.09
CA PHE E 195 10.10 3.44 40.04
C PHE E 195 11.54 2.99 39.87
N MET E 196 11.93 1.89 40.52
CA MET E 196 13.28 1.37 40.35
C MET E 196 13.51 0.83 38.94
N VAL E 197 12.49 0.19 38.35
CA VAL E 197 12.60 -0.32 36.99
C VAL E 197 12.71 0.83 35.99
N LEU E 198 11.89 1.87 36.17
CA LEU E 198 11.96 3.03 35.27
C LEU E 198 13.27 3.79 35.43
N CYS E 199 13.77 3.90 36.67
CA CYS E 199 15.05 4.57 36.89
C CYS E 199 16.22 3.76 36.33
N GLY E 200 16.19 2.44 36.49
CA GLY E 200 17.26 1.61 35.96
C GLY E 200 17.28 1.57 34.44
N SER E 201 16.08 1.50 33.84
CA SER E 201 15.99 1.54 32.38
C SER E 201 16.43 2.88 31.83
N SER E 202 16.07 3.97 32.52
CA SER E 202 16.48 5.29 32.07
C SER E 202 17.98 5.50 32.20
N LEU E 203 18.57 5.08 33.33
CA LEU E 203 20.01 5.27 33.50
C LEU E 203 20.81 4.36 32.58
N ALA E 204 20.32 3.15 32.31
CA ALA E 204 20.98 2.29 31.34
C ALA E 204 20.91 2.90 29.94
N LEU E 205 19.77 3.51 29.61
CA LEU E 205 19.64 4.22 28.35
C LEU E 205 20.60 5.40 28.25
N LEU E 206 20.73 6.18 29.34
CA LEU E 206 21.67 7.30 29.35
C LEU E 206 23.12 6.86 29.21
N VAL E 207 23.53 5.81 29.92
CA VAL E 207 24.93 5.40 29.81
C VAL E 207 25.20 4.76 28.46
N ARG E 208 24.20 4.11 27.86
CA ARG E 208 24.41 3.51 26.54
C ARG E 208 24.50 4.60 25.48
N ILE E 209 23.71 5.67 25.62
CA ILE E 209 23.84 6.81 24.73
C ILE E 209 25.16 7.56 24.93
N LEU E 210 25.60 7.77 26.16
CA LEU E 210 26.85 8.49 26.39
C LEU E 210 28.11 7.70 26.06
N CYS E 211 28.07 6.37 26.03
CA CYS E 211 29.26 5.64 25.62
C CYS E 211 29.30 5.26 24.14
N GLY E 212 28.17 5.21 23.44
CA GLY E 212 28.23 4.71 22.08
C GLY E 212 27.32 5.30 21.01
N SER E 213 26.88 6.55 21.15
CA SER E 213 25.92 7.12 20.22
C SER E 213 26.54 8.28 19.47
N ARG E 214 26.37 8.31 18.15
CA ARG E 214 26.91 9.40 17.35
C ARG E 214 25.94 9.97 16.32
N GLY E 215 24.93 9.23 15.91
CA GLY E 215 24.01 9.75 14.89
C GLY E 215 22.79 10.40 15.49
N LEU E 216 22.81 10.63 16.80
CA LEU E 216 21.59 10.92 17.53
C LEU E 216 21.51 12.39 17.93
N PRO E 217 20.30 12.96 17.99
CA PRO E 217 20.14 14.28 18.58
C PRO E 217 20.02 14.16 20.10
N LEU E 218 21.16 14.00 20.77
CA LEU E 218 21.15 13.44 22.12
C LEU E 218 20.70 14.46 23.16
N THR E 219 20.75 15.76 22.84
CA THR E 219 20.32 16.77 23.81
C THR E 219 18.82 16.71 24.05
N ARG E 220 18.03 16.70 22.97
CA ARG E 220 16.58 16.51 23.06
C ARG E 220 16.25 15.17 23.68
N LEU E 221 17.08 14.16 23.39
CA LEU E 221 16.92 12.83 23.96
C LEU E 221 17.05 12.85 25.48
N TYR E 222 18.15 13.40 26.02
CA TYR E 222 18.34 13.24 27.46
C TYR E 222 17.48 14.23 28.24
N LEU E 223 17.10 15.35 27.63
CA LEU E 223 16.07 16.19 28.23
C LEU E 223 14.71 15.49 28.26
N THR E 224 14.39 14.67 27.25
CA THR E 224 13.13 13.95 27.28
C THR E 224 13.12 12.86 28.36
N ILE E 225 14.23 12.12 28.50
CA ILE E 225 14.29 11.09 29.54
C ILE E 225 14.33 11.71 30.93
N LEU E 226 15.05 12.82 31.10
CA LEU E 226 15.08 13.51 32.38
C LEU E 226 13.71 14.09 32.72
N LEU E 227 12.99 14.60 31.72
CA LEU E 227 11.65 15.12 31.94
C LEU E 227 10.69 14.01 32.34
N THR E 228 10.78 12.84 31.72
CA THR E 228 9.82 11.79 32.06
C THR E 228 10.16 11.12 33.39
N VAL E 229 11.44 11.07 33.78
CA VAL E 229 11.72 10.53 35.12
C VAL E 229 11.35 11.55 36.20
N LEU E 230 11.44 12.85 35.87
CA LEU E 230 11.00 13.88 36.80
C LEU E 230 9.48 13.85 36.97
N VAL E 231 8.75 13.62 35.87
CA VAL E 231 7.30 13.48 35.95
C VAL E 231 6.91 12.25 36.76
N PHE E 232 7.57 11.11 36.52
CA PHE E 232 7.23 9.90 37.25
C PHE E 232 7.67 9.98 38.71
N LEU E 233 8.63 10.86 39.02
CA LEU E 233 8.99 11.05 40.42
C LEU E 233 8.03 12.01 41.13
N LEU E 234 7.98 13.26 40.70
CA LEU E 234 7.29 14.27 41.48
C LEU E 234 5.92 14.66 40.90
N CYS E 235 5.36 13.89 39.99
CA CYS E 235 4.00 14.15 39.52
C CYS E 235 3.18 12.88 39.50
N GLY E 236 3.83 11.72 39.47
CA GLY E 236 3.06 10.49 39.33
C GLY E 236 3.10 9.56 40.51
N LEU E 237 4.26 9.51 41.18
CA LEU E 237 4.37 8.80 42.46
C LEU E 237 3.51 9.35 43.60
N PRO E 238 3.48 10.67 43.92
CA PRO E 238 3.08 11.07 45.28
C PRO E 238 1.64 10.80 45.67
N PHE E 239 0.69 10.66 44.73
CA PHE E 239 -0.63 10.19 45.14
C PHE E 239 -0.58 8.73 45.58
N GLY E 240 0.17 7.90 44.87
CA GLY E 240 0.38 6.54 45.32
C GLY E 240 1.15 6.48 46.62
N ILE E 241 2.07 7.42 46.83
CA ILE E 241 2.82 7.47 48.08
C ILE E 241 1.92 7.85 49.24
N GLN E 242 1.10 8.89 49.06
CA GLN E 242 0.23 9.34 50.15
C GLN E 242 -0.97 8.44 50.35
N TRP E 243 -1.36 7.65 49.36
CA TRP E 243 -2.51 6.78 49.49
C TRP E 243 -2.12 5.37 49.86
N PHE E 244 -0.86 5.00 49.66
CA PHE E 244 -0.46 3.62 49.87
C PHE E 244 0.55 3.41 50.98
N LEU E 245 1.23 4.45 51.45
CA LEU E 245 2.08 4.16 52.60
C LEU E 245 2.01 5.22 53.69
N ILE E 246 1.69 6.48 53.35
CA ILE E 246 1.62 7.55 54.35
C ILE E 246 0.49 7.32 55.35
N LEU E 247 -0.64 6.79 54.92
CA LEU E 247 -1.79 6.61 55.82
C LEU E 247 -1.56 5.55 56.89
N TRP E 248 -0.55 4.70 56.75
CA TRP E 248 -0.22 3.71 57.77
C TRP E 248 1.13 3.96 58.43
N ILE E 249 1.81 5.06 58.10
CA ILE E 249 3.12 5.39 58.66
C ILE E 249 3.13 6.75 59.32
N TRP E 250 2.66 7.78 58.60
CA TRP E 250 2.66 9.14 59.14
C TRP E 250 1.62 9.28 60.26
N LYS E 251 0.34 9.08 59.91
CA LYS E 251 -0.77 8.85 60.84
C LYS E 251 -1.00 9.95 61.88
N ASP E 252 -1.41 11.13 61.42
CA ASP E 252 -1.98 12.13 62.31
C ASP E 252 -3.48 12.32 62.09
N SER E 253 -3.97 12.01 60.88
CA SER E 253 -5.36 11.97 60.44
C SER E 253 -6.06 13.32 60.42
N ASP E 254 -5.39 14.42 60.74
CA ASP E 254 -6.03 15.72 60.69
C ASP E 254 -5.25 16.77 59.92
N VAL E 255 -3.91 16.78 60.04
CA VAL E 255 -3.11 17.80 59.37
C VAL E 255 -3.02 17.51 57.87
N LEU E 256 -2.82 16.23 57.51
CA LEU E 256 -2.49 15.89 56.14
C LEU E 256 -3.72 15.92 55.23
N PHE E 257 -4.93 15.77 55.80
CA PHE E 257 -6.12 15.59 54.98
C PHE E 257 -6.45 16.89 54.24
N CYS E 258 -6.35 18.03 54.92
CA CYS E 258 -6.77 19.30 54.30
C CYS E 258 -5.72 19.81 53.32
N HIS E 259 -4.49 19.30 53.38
CA HIS E 259 -3.39 19.86 52.61
C HIS E 259 -2.79 18.88 51.60
N ILE E 260 -2.39 17.69 52.05
CA ILE E 260 -1.63 16.78 51.21
C ILE E 260 -2.53 16.12 50.16
N HIS E 261 -3.61 15.48 50.61
CA HIS E 261 -4.48 14.64 49.78
C HIS E 261 -5.13 15.33 48.58
N PRO E 262 -5.61 16.60 48.64
CA PRO E 262 -6.06 17.22 47.39
C PRO E 262 -4.91 17.56 46.46
N VAL E 263 -3.81 18.09 47.01
CA VAL E 263 -2.68 18.54 46.18
C VAL E 263 -1.99 17.35 45.54
N SER E 264 -2.01 16.20 46.21
CA SER E 264 -1.40 14.99 45.67
C SER E 264 -2.14 14.49 44.42
N VAL E 265 -3.46 14.48 44.46
CA VAL E 265 -4.20 14.03 43.29
C VAL E 265 -4.23 15.14 42.24
N VAL E 266 -3.99 16.39 42.66
CA VAL E 266 -3.71 17.45 41.69
C VAL E 266 -2.44 17.17 40.90
N LEU E 267 -1.36 16.74 41.58
CA LEU E 267 -0.14 16.38 40.87
C LEU E 267 -0.32 15.14 39.99
N SER E 268 -1.09 14.16 40.45
CA SER E 268 -1.31 12.99 39.58
C SER E 268 -2.24 13.32 38.41
N SER E 269 -3.12 14.30 38.58
CA SER E 269 -3.88 14.80 37.44
C SER E 269 -2.97 15.56 36.49
N LEU E 270 -1.93 16.21 37.01
CA LEU E 270 -0.94 16.85 36.14
C LEU E 270 -0.15 15.83 35.34
N ASN E 271 0.22 14.72 35.98
CA ASN E 271 0.84 13.59 35.28
C ASN E 271 -0.10 13.03 34.21
N SER E 272 -1.37 12.91 34.58
CA SER E 272 -2.41 12.40 33.69
C SER E 272 -2.62 13.30 32.49
N SER E 273 -2.57 14.61 32.69
CA SER E 273 -2.73 15.51 31.56
C SER E 273 -1.45 15.60 30.73
N ALA E 274 -0.29 15.41 31.37
CA ALA E 274 0.99 15.59 30.70
C ALA E 274 1.48 14.35 29.97
N ASN E 275 0.89 13.19 30.24
CA ASN E 275 1.26 11.96 29.51
C ASN E 275 1.05 12.00 27.99
N PRO E 276 -0.09 12.47 27.44
CA PRO E 276 -0.21 12.45 25.97
C PRO E 276 0.71 13.41 25.24
N ILE E 277 1.09 14.51 25.87
CA ILE E 277 2.00 15.40 25.20
C ILE E 277 3.34 14.70 25.02
N ILE E 278 3.98 14.29 26.10
CA ILE E 278 5.28 13.63 25.96
C ILE E 278 5.30 12.29 25.23
N TYR E 279 4.38 11.41 25.57
CA TYR E 279 4.33 10.11 24.94
C TYR E 279 3.84 10.00 23.52
N PHE E 280 2.80 10.75 23.19
CA PHE E 280 2.22 10.69 21.86
C PHE E 280 2.24 11.96 21.07
N PHE E 281 1.79 13.04 21.68
CA PHE E 281 1.67 14.33 21.01
C PHE E 281 2.94 14.99 20.57
N VAL E 282 3.95 15.00 21.40
CA VAL E 282 5.17 15.66 21.00
C VAL E 282 5.79 14.95 19.78
N GLY E 283 5.78 13.62 19.77
CA GLY E 283 6.32 12.93 18.62
C GLY E 283 5.54 13.15 17.34
N SER E 284 4.22 13.09 17.44
CA SER E 284 3.34 13.26 16.29
C SER E 284 3.46 14.67 15.72
N PHE E 285 3.53 15.67 16.60
CA PHE E 285 3.65 17.07 16.15
C PHE E 285 5.02 17.65 16.45
N CYS F 2 -13.68 0.77 56.02
CA CYS F 2 -13.34 1.66 54.92
C CYS F 2 -11.86 2.04 54.98
N LYS F 3 -11.13 1.90 53.88
CA LYS F 3 -9.73 2.28 53.96
C LYS F 3 -9.62 3.76 54.21
N ASN F 4 -10.30 4.55 53.37
CA ASN F 4 -10.35 6.01 53.54
C ASN F 4 -11.54 6.75 52.95
N PHE F 5 -12.60 6.02 52.59
CA PHE F 5 -13.82 6.67 52.08
C PHE F 5 -13.58 7.64 50.91
N PHE F 6 -12.84 7.20 49.90
CA PHE F 6 -12.57 8.04 48.73
C PHE F 6 -13.86 8.49 48.02
C1 CLR G . -5.19 -5.75 22.79
C2 CLR G . -4.19 -6.13 21.73
C3 CLR G . -4.14 -5.05 20.65
C4 CLR G . -3.68 -3.75 21.29
C5 CLR G . -4.53 -3.40 22.47
C6 CLR G . -4.73 -2.11 22.70
C7 CLR G . -5.62 -1.62 23.77
C8 CLR G . -5.62 -2.59 24.95
C9 CLR G . -5.88 -4.04 24.47
C10 CLR G . -4.77 -4.47 23.50
C11 CLR G . -5.99 -5.01 25.65
C12 CLR G . -7.00 -4.57 26.70
C13 CLR G . -6.73 -3.12 27.18
C14 CLR G . -6.72 -2.19 25.94
C15 CLR G . -6.66 -0.76 26.56
C16 CLR G . -7.43 -0.92 27.90
C17 CLR G . -7.92 -2.39 27.91
C18 CLR G . -5.35 -2.98 27.91
C19 CLR G . -3.46 -4.70 24.27
C20 CLR G . -8.61 -2.93 29.30
C21 CLR G . -9.06 -1.75 30.18
C22 CLR G . -7.90 -3.97 30.19
C23 CLR G . -8.55 -5.33 30.01
C24 CLR G . -7.49 -6.40 29.93
C25 CLR G . -7.88 -7.62 30.78
C26 CLR G . -6.86 -8.73 30.56
C27 CLR G . -7.93 -7.23 32.25
O1 CLR G . -3.20 -5.47 19.70
#